data_4V06
#
_entry.id   4V06
#
_cell.length_a   95.960
_cell.length_b   100.199
_cell.length_c   89.009
_cell.angle_alpha   90.00
_cell.angle_beta   90.00
_cell.angle_gamma   90.00
#
_symmetry.space_group_name_H-M   'P 21 21 2'
#
loop_
_entity.id
_entity.type
_entity.pdbx_description
1 polymer 'TRYPTOPHAN 5-HYDROXYLASE 2'
2 non-polymer IMIDAZOLE
3 non-polymer 'FE (III) ION'
4 water water
#
_entity_poly.entity_id   1
_entity_poly.type   'polypeptide(L)'
_entity_poly.pdbx_seq_one_letter_code
;LYFQSMLEDVPWFPRKISELDKCSHRVLMYGSELDADHPGFKDNVYRQRRKYFVDVAMGYKYGQPIPRVEYTEEETKTWG
VVFRELSKLYPTHACREYLKNFPLLTKYCGYREDNVPQLEDVSMFLKERSGFTVRPVAGYLSPRDFLAGLAYRVFHCTQY
IRHGSDPLYTPEPDTCHELLGHVPLLADPKFAQFSQEIGLASLGASDEDVQKLATCYFFTIEFGLCKQEGQLRAYGAGLL
SSIGELKHALSDKACVKAFDPKTTCLQECLITTFQEAYFVSESFEEAKEKMRDFAKSITRPFSVYFNPYTQSIEILKDTR
SIENVVQDLRSDLNTVCDALNKMNQYLGI
;
_entity_poly.pdbx_strand_id   A,B
#
# COMPACT_ATOMS: atom_id res chain seq x y z
N LEU A 1 20.48 12.53 -17.33
CA LEU A 1 21.27 11.77 -18.28
C LEU A 1 22.13 10.73 -17.57
N TYR A 2 22.64 11.09 -16.40
CA TYR A 2 23.44 10.18 -15.59
C TYR A 2 22.61 9.00 -15.09
N PHE A 3 21.38 9.30 -14.65
CA PHE A 3 20.46 8.27 -14.17
C PHE A 3 19.96 7.39 -15.32
N GLN A 4 19.83 7.99 -16.50
CA GLN A 4 19.34 7.25 -17.67
C GLN A 4 20.35 6.20 -18.13
N SER A 5 21.64 6.56 -18.07
CA SER A 5 22.70 5.66 -18.47
C SER A 5 22.92 4.55 -17.45
N MET A 6 22.59 4.85 -16.19
CA MET A 6 22.77 3.90 -15.10
C MET A 6 21.87 2.68 -15.25
N LEU A 7 20.62 2.90 -15.67
CA LEU A 7 19.65 1.83 -15.79
C LEU A 7 19.79 1.06 -17.11
N GLU A 8 20.47 1.66 -18.07
CA GLU A 8 20.64 1.03 -19.39
C GLU A 8 21.65 -0.11 -19.33
N ASP A 9 22.47 -0.13 -18.29
CA ASP A 9 23.50 -1.16 -18.14
C ASP A 9 23.01 -2.36 -17.34
N VAL A 10 21.83 -2.24 -16.76
CA VAL A 10 21.26 -3.31 -15.95
C VAL A 10 19.94 -3.81 -16.53
N PRO A 11 19.64 -5.10 -16.33
CA PRO A 11 18.38 -5.70 -16.79
C PRO A 11 17.15 -4.94 -16.31
N TRP A 12 16.11 -4.92 -17.13
CA TRP A 12 14.88 -4.21 -16.79
C TRP A 12 14.19 -4.82 -15.58
N PHE A 13 13.62 -3.96 -14.75
CA PHE A 13 12.80 -4.39 -13.62
C PHE A 13 11.66 -3.40 -13.43
N PRO A 14 10.49 -3.91 -13.01
CA PRO A 14 9.32 -3.04 -12.81
C PRO A 14 9.53 -2.04 -11.68
N ARG A 15 9.39 -0.75 -11.98
CA ARG A 15 9.55 0.29 -10.96
C ARG A 15 8.22 0.75 -10.39
N LYS A 16 7.13 0.36 -11.06
CA LYS A 16 5.79 0.60 -10.56
C LYS A 16 5.04 -0.72 -10.44
N ILE A 17 4.05 -0.76 -9.55
CA ILE A 17 3.27 -1.97 -9.35
C ILE A 17 2.47 -2.31 -10.60
N SER A 18 2.13 -1.29 -11.40
CA SER A 18 1.39 -1.50 -12.63
C SER A 18 2.25 -2.17 -13.69
N GLU A 19 3.56 -1.95 -13.61
CA GLU A 19 4.50 -2.52 -14.56
C GLU A 19 4.76 -4.00 -14.29
N LEU A 20 4.30 -4.47 -13.13
CA LEU A 20 4.51 -5.86 -12.75
C LEU A 20 3.72 -6.81 -13.64
N ASP A 21 2.72 -6.27 -14.34
CA ASP A 21 1.91 -7.06 -15.26
C ASP A 21 2.76 -7.67 -16.37
N LYS A 22 3.80 -6.96 -16.78
CA LYS A 22 4.72 -7.42 -17.81
C LYS A 22 5.44 -8.69 -17.37
N CYS A 23 5.71 -8.80 -16.07
CA CYS A 23 6.38 -9.96 -15.51
C CYS A 23 5.42 -11.14 -15.36
N SER A 24 4.17 -10.83 -15.02
CA SER A 24 3.17 -11.86 -14.76
C SER A 24 2.77 -12.62 -16.03
N HIS A 25 2.81 -11.93 -17.17
CA HIS A 25 2.35 -12.52 -18.42
C HIS A 25 3.49 -13.06 -19.28
N ARG A 26 4.73 -12.87 -18.84
CA ARG A 26 5.88 -13.43 -19.54
C ARG A 26 6.05 -14.90 -19.19
N VAL A 27 5.06 -15.71 -19.55
CA VAL A 27 5.07 -17.13 -19.25
C VAL A 27 5.92 -17.91 -20.25
N LEU A 28 6.94 -18.59 -19.74
CA LEU A 28 7.84 -19.38 -20.58
C LEU A 28 7.22 -20.73 -20.94
N MET A 29 6.42 -21.26 -20.02
CA MET A 29 5.75 -22.54 -20.26
C MET A 29 4.39 -22.58 -19.60
N TYR A 30 3.34 -22.54 -20.41
CA TYR A 30 1.97 -22.50 -19.92
C TYR A 30 1.57 -23.83 -19.27
N GLY A 31 0.63 -23.75 -18.33
CA GLY A 31 0.18 -24.91 -17.58
C GLY A 31 -0.41 -26.00 -18.44
N SER A 32 -0.92 -25.63 -19.61
CA SER A 32 -1.52 -26.59 -20.52
C SER A 32 -0.47 -27.42 -21.24
N GLU A 33 0.79 -27.01 -21.15
CA GLU A 33 1.89 -27.76 -21.73
C GLU A 33 2.36 -28.86 -20.79
N LEU A 34 1.60 -29.95 -20.73
CA LEU A 34 1.93 -31.05 -19.83
C LEU A 34 3.19 -31.78 -20.29
N ASP A 35 3.99 -32.20 -19.32
CA ASP A 35 5.21 -32.96 -19.60
C ASP A 35 4.85 -34.35 -20.10
N ALA A 36 5.81 -35.01 -20.75
CA ALA A 36 5.57 -36.33 -21.32
C ALA A 36 5.26 -37.39 -20.25
N ASP A 37 5.89 -37.25 -19.09
CA ASP A 37 5.69 -38.22 -18.01
C ASP A 37 4.57 -37.83 -17.06
N HIS A 38 3.84 -36.77 -17.42
CA HIS A 38 2.73 -36.29 -16.60
C HIS A 38 1.59 -37.31 -16.61
N PRO A 39 1.01 -37.58 -15.43
CA PRO A 39 -0.06 -38.57 -15.29
C PRO A 39 -1.33 -38.20 -16.06
N GLY A 40 -1.43 -36.97 -16.51
CA GLY A 40 -2.60 -36.53 -17.27
C GLY A 40 -2.28 -36.22 -18.72
N PHE A 41 -1.15 -36.76 -19.20
CA PHE A 41 -0.67 -36.48 -20.55
C PHE A 41 -1.63 -37.01 -21.63
N LYS A 42 -2.37 -38.06 -21.29
CA LYS A 42 -3.33 -38.65 -22.23
C LYS A 42 -4.76 -38.39 -21.78
N ASP A 43 -4.92 -37.54 -20.77
CA ASP A 43 -6.22 -37.22 -20.22
C ASP A 43 -6.78 -35.95 -20.85
N ASN A 44 -7.65 -36.11 -21.84
CA ASN A 44 -8.24 -34.98 -22.55
C ASN A 44 -9.15 -34.14 -21.65
N VAL A 45 -9.82 -34.79 -20.72
CA VAL A 45 -10.67 -34.10 -19.76
C VAL A 45 -9.82 -33.21 -18.85
N TYR A 46 -8.67 -33.72 -18.44
CA TYR A 46 -7.76 -32.96 -17.59
C TYR A 46 -7.11 -31.81 -18.36
N ARG A 47 -6.76 -32.07 -19.62
CA ARG A 47 -6.18 -31.05 -20.49
C ARG A 47 -7.14 -29.88 -20.70
N GLN A 48 -8.43 -30.17 -20.72
CA GLN A 48 -9.45 -29.15 -20.90
C GLN A 48 -9.45 -28.19 -19.71
N ARG A 49 -9.26 -28.74 -18.51
CA ARG A 49 -9.21 -27.92 -17.30
C ARG A 49 -7.93 -27.11 -17.27
N ARG A 50 -6.81 -27.74 -17.60
CA ARG A 50 -5.52 -27.05 -17.63
C ARG A 50 -5.53 -25.88 -18.59
N LYS A 51 -6.18 -26.05 -19.73
CA LYS A 51 -6.31 -24.97 -20.70
C LYS A 51 -7.24 -23.88 -20.17
N TYR A 52 -8.24 -24.28 -19.40
CA TYR A 52 -9.19 -23.33 -18.82
C TYR A 52 -8.50 -22.40 -17.82
N PHE A 53 -7.67 -22.96 -16.94
CA PHE A 53 -6.97 -22.18 -15.94
C PHE A 53 -5.95 -21.23 -16.57
N VAL A 54 -5.40 -21.64 -17.71
CA VAL A 54 -4.47 -20.78 -18.43
C VAL A 54 -5.20 -19.54 -18.93
N ASP A 55 -6.33 -19.73 -19.59
CA ASP A 55 -7.11 -18.63 -20.15
C ASP A 55 -7.60 -17.68 -19.06
N VAL A 56 -7.99 -18.24 -17.91
CA VAL A 56 -8.42 -17.41 -16.79
C VAL A 56 -7.27 -16.54 -16.29
N ALA A 57 -6.10 -17.15 -16.13
CA ALA A 57 -4.92 -16.45 -15.66
C ALA A 57 -4.45 -15.39 -16.65
N MET A 58 -4.54 -15.69 -17.94
CA MET A 58 -4.11 -14.76 -18.97
C MET A 58 -5.03 -13.54 -19.04
N GLY A 59 -6.27 -13.71 -18.57
CA GLY A 59 -7.24 -12.64 -18.59
C GLY A 59 -7.11 -11.69 -17.41
N TYR A 60 -6.27 -12.05 -16.44
CA TYR A 60 -6.09 -11.23 -15.26
C TYR A 60 -5.32 -9.95 -15.56
N LYS A 61 -5.79 -8.84 -15.01
CA LYS A 61 -5.12 -7.55 -15.13
C LYS A 61 -5.05 -6.86 -13.78
N TYR A 62 -4.06 -5.99 -13.60
CA TYR A 62 -3.87 -5.27 -12.35
C TYR A 62 -5.08 -4.40 -12.04
N GLY A 63 -5.53 -4.46 -10.78
CA GLY A 63 -6.69 -3.69 -10.36
C GLY A 63 -7.96 -4.53 -10.34
N GLN A 64 -8.04 -5.47 -11.27
CA GLN A 64 -9.19 -6.37 -11.35
C GLN A 64 -9.10 -7.46 -10.28
N PRO A 65 -10.23 -7.79 -9.66
CA PRO A 65 -10.26 -8.86 -8.65
C PRO A 65 -10.09 -10.24 -9.28
N ILE A 66 -9.51 -11.18 -8.53
CA ILE A 66 -9.31 -12.53 -9.04
C ILE A 66 -10.64 -13.27 -9.12
N PRO A 67 -11.01 -13.70 -10.35
CA PRO A 67 -12.29 -14.37 -10.61
C PRO A 67 -12.46 -15.66 -9.81
N ARG A 68 -13.68 -15.90 -9.33
CA ARG A 68 -14.00 -17.14 -8.62
C ARG A 68 -13.91 -18.33 -9.56
N VAL A 69 -13.43 -19.46 -9.04
CA VAL A 69 -13.28 -20.66 -9.84
C VAL A 69 -14.12 -21.81 -9.30
N GLU A 70 -15.03 -22.31 -10.14
CA GLU A 70 -15.86 -23.45 -9.75
C GLU A 70 -15.12 -24.76 -9.98
N TYR A 71 -14.52 -25.29 -8.93
CA TYR A 71 -13.79 -26.55 -9.03
C TYR A 71 -14.76 -27.73 -9.11
N THR A 72 -14.41 -28.70 -9.93
CA THR A 72 -15.24 -29.89 -10.12
C THR A 72 -15.17 -30.81 -8.91
N GLU A 73 -16.00 -31.85 -8.90
CA GLU A 73 -16.05 -32.77 -7.77
C GLU A 73 -14.74 -33.56 -7.65
N GLU A 74 -14.16 -33.93 -8.79
CA GLU A 74 -12.92 -34.69 -8.81
C GLU A 74 -11.76 -33.85 -8.28
N GLU A 75 -11.78 -32.56 -8.59
CA GLU A 75 -10.73 -31.65 -8.16
C GLU A 75 -10.83 -31.37 -6.67
N THR A 76 -12.05 -31.29 -6.15
CA THR A 76 -12.27 -31.08 -4.73
C THR A 76 -11.88 -32.31 -3.94
N LYS A 77 -12.19 -33.49 -4.49
CA LYS A 77 -11.84 -34.75 -3.86
C LYS A 77 -10.32 -34.91 -3.79
N THR A 78 -9.64 -34.49 -4.85
CA THR A 78 -8.18 -34.53 -4.90
C THR A 78 -7.60 -33.59 -3.85
N TRP A 79 -8.21 -32.41 -3.72
CA TRP A 79 -7.81 -31.45 -2.70
C TRP A 79 -8.02 -32.02 -1.30
N GLY A 80 -9.15 -32.71 -1.12
CA GLY A 80 -9.50 -33.28 0.17
C GLY A 80 -8.50 -34.31 0.68
N VAL A 81 -8.00 -35.14 -0.23
CA VAL A 81 -7.01 -36.15 0.12
C VAL A 81 -5.72 -35.51 0.59
N VAL A 82 -5.28 -34.48 -0.14
CA VAL A 82 -4.07 -33.74 0.21
C VAL A 82 -4.25 -33.01 1.54
N PHE A 83 -5.44 -32.45 1.73
CA PHE A 83 -5.75 -31.66 2.92
C PHE A 83 -5.73 -32.51 4.20
N ARG A 84 -6.19 -33.75 4.11
CA ARG A 84 -6.25 -34.62 5.28
C ARG A 84 -4.90 -35.21 5.65
N GLU A 85 -4.21 -35.77 4.66
CA GLU A 85 -2.94 -36.46 4.90
C GLU A 85 -1.84 -35.52 5.39
N LEU A 86 -1.99 -34.22 5.07
CA LEU A 86 -1.02 -33.23 5.51
C LEU A 86 -1.39 -32.66 6.89
N SER A 87 -2.68 -32.65 7.21
CA SER A 87 -3.15 -32.15 8.50
C SER A 87 -2.77 -33.08 9.64
N LYS A 88 -2.42 -34.31 9.29
CA LYS A 88 -2.04 -35.31 10.29
C LYS A 88 -0.56 -35.18 10.67
N LEU A 89 0.15 -34.31 9.97
CA LEU A 89 1.57 -34.12 10.20
C LEU A 89 1.89 -32.71 10.69
N TYR A 90 1.03 -31.76 10.31
CA TYR A 90 1.24 -30.34 10.64
C TYR A 90 1.48 -30.04 12.12
N PRO A 91 0.66 -30.58 13.03
CA PRO A 91 0.91 -30.18 14.43
C PRO A 91 2.22 -30.73 15.00
N THR A 92 2.92 -31.56 14.26
CA THR A 92 4.16 -32.16 14.73
C THR A 92 5.33 -31.88 13.79
N HIS A 93 5.05 -31.26 12.65
CA HIS A 93 6.08 -31.00 11.65
C HIS A 93 6.15 -29.53 11.24
N ALA A 94 4.99 -28.87 11.19
CA ALA A 94 4.92 -27.47 10.77
C ALA A 94 5.37 -26.54 11.88
N CYS A 95 5.91 -25.38 11.50
CA CYS A 95 6.40 -24.42 12.47
C CYS A 95 5.25 -23.73 13.21
N ARG A 96 5.60 -22.90 14.20
CA ARG A 96 4.60 -22.21 15.01
C ARG A 96 3.80 -21.21 14.18
N GLU A 97 4.48 -20.60 13.21
CA GLU A 97 3.84 -19.61 12.34
C GLU A 97 2.75 -20.26 11.49
N TYR A 98 3.00 -21.49 11.06
CA TYR A 98 2.04 -22.23 10.25
C TYR A 98 0.80 -22.58 11.06
N LEU A 99 1.01 -23.11 12.26
CA LEU A 99 -0.08 -23.54 13.13
C LEU A 99 -0.87 -22.37 13.69
N LYS A 100 -0.33 -21.17 13.57
CA LYS A 100 -1.00 -19.97 14.06
C LYS A 100 -1.92 -19.37 13.00
N ASN A 101 -1.56 -19.53 11.73
CA ASN A 101 -2.30 -18.92 10.65
C ASN A 101 -3.25 -19.89 9.94
N PHE A 102 -2.96 -21.18 10.05
CA PHE A 102 -3.78 -22.20 9.40
C PHE A 102 -5.23 -22.24 9.92
N PRO A 103 -5.44 -22.16 11.25
CA PRO A 103 -6.84 -22.09 11.68
C PRO A 103 -7.55 -20.82 11.20
N LEU A 104 -6.79 -19.73 11.10
CA LEU A 104 -7.33 -18.48 10.58
C LEU A 104 -7.77 -18.64 9.13
N LEU A 105 -6.98 -19.39 8.37
CA LEU A 105 -7.30 -19.67 6.98
C LEU A 105 -8.56 -20.53 6.85
N THR A 106 -8.78 -21.39 7.84
CA THR A 106 -9.95 -22.24 7.85
C THR A 106 -11.21 -21.40 8.14
N LYS A 107 -11.02 -20.32 8.90
CA LYS A 107 -12.12 -19.46 9.30
C LYS A 107 -12.49 -18.42 8.23
N TYR A 108 -11.48 -17.78 7.66
CA TYR A 108 -11.69 -16.66 6.75
C TYR A 108 -11.60 -17.04 5.27
N CYS A 109 -10.81 -18.06 4.97
CA CYS A 109 -10.57 -18.42 3.57
C CYS A 109 -11.20 -19.77 3.21
N GLY A 110 -11.81 -20.42 4.19
CA GLY A 110 -12.50 -21.67 3.95
C GLY A 110 -11.59 -22.83 3.61
N TYR A 111 -10.54 -23.02 4.40
CA TYR A 111 -9.63 -24.15 4.23
C TYR A 111 -10.28 -25.43 4.76
N ARG A 112 -11.02 -26.12 3.90
CA ARG A 112 -11.66 -27.37 4.27
C ARG A 112 -11.38 -28.46 3.23
N GLU A 113 -11.67 -29.70 3.60
CA GLU A 113 -11.45 -30.83 2.70
C GLU A 113 -12.54 -30.93 1.64
N ASP A 114 -13.65 -30.24 1.86
CA ASP A 114 -14.78 -30.28 0.93
C ASP A 114 -14.93 -28.96 0.19
N ASN A 115 -13.89 -28.13 0.21
CA ASN A 115 -13.92 -26.83 -0.44
C ASN A 115 -12.54 -26.30 -0.76
N VAL A 116 -12.29 -26.01 -2.04
CA VAL A 116 -11.02 -25.43 -2.47
C VAL A 116 -11.08 -23.92 -2.36
N PRO A 117 -10.18 -23.34 -1.55
CA PRO A 117 -10.10 -21.89 -1.30
C PRO A 117 -9.90 -21.08 -2.58
N GLN A 118 -10.51 -19.90 -2.64
CA GLN A 118 -10.34 -19.01 -3.77
C GLN A 118 -9.22 -18.02 -3.52
N LEU A 119 -8.52 -17.63 -4.58
CA LEU A 119 -7.36 -16.74 -4.47
C LEU A 119 -7.75 -15.33 -4.02
N GLU A 120 -8.95 -14.89 -4.39
CA GLU A 120 -9.41 -13.55 -4.02
C GLU A 120 -9.60 -13.44 -2.52
N ASP A 121 -10.03 -14.52 -1.89
CA ASP A 121 -10.19 -14.55 -0.44
C ASP A 121 -8.83 -14.56 0.24
N VAL A 122 -7.91 -15.34 -0.32
CA VAL A 122 -6.56 -15.45 0.21
C VAL A 122 -5.81 -14.13 0.07
N SER A 123 -5.97 -13.46 -1.06
CA SER A 123 -5.28 -12.20 -1.32
C SER A 123 -5.68 -11.12 -0.32
N MET A 124 -6.97 -11.01 -0.06
CA MET A 124 -7.47 -10.02 0.89
C MET A 124 -7.05 -10.39 2.32
N PHE A 125 -6.94 -11.69 2.56
CA PHE A 125 -6.49 -12.19 3.85
C PHE A 125 -5.03 -11.81 4.10
N LEU A 126 -4.18 -12.08 3.11
CA LEU A 126 -2.75 -11.81 3.23
C LEU A 126 -2.45 -10.32 3.28
N LYS A 127 -3.15 -9.54 2.44
CA LYS A 127 -2.96 -8.10 2.39
C LYS A 127 -3.27 -7.45 3.72
N GLU A 128 -4.34 -7.91 4.37
CA GLU A 128 -4.79 -7.35 5.63
C GLU A 128 -3.88 -7.77 6.79
N ARG A 129 -3.13 -8.85 6.59
CA ARG A 129 -2.33 -9.41 7.68
C ARG A 129 -0.82 -9.19 7.52
N SER A 130 -0.33 -9.26 6.29
CA SER A 130 1.11 -9.10 6.04
C SER A 130 1.41 -8.26 4.81
N GLY A 131 0.37 -7.76 4.15
CA GLY A 131 0.54 -6.92 2.99
C GLY A 131 0.78 -7.68 1.70
N PHE A 132 0.94 -8.99 1.81
CA PHE A 132 1.16 -9.83 0.64
C PHE A 132 -0.13 -9.96 -0.17
N THR A 133 0.02 -10.13 -1.48
CA THR A 133 -1.11 -10.44 -2.35
C THR A 133 -0.76 -11.62 -3.24
N VAL A 134 -1.78 -12.23 -3.85
CA VAL A 134 -1.54 -13.31 -4.79
C VAL A 134 -2.06 -12.96 -6.17
N ARG A 135 -1.40 -13.47 -7.20
CA ARG A 135 -1.85 -13.31 -8.56
C ARG A 135 -1.92 -14.68 -9.24
N PRO A 136 -2.97 -14.90 -10.05
CA PRO A 136 -3.02 -16.11 -10.86
C PRO A 136 -1.98 -16.04 -11.98
N VAL A 137 -1.24 -17.13 -12.16
CA VAL A 137 -0.23 -17.18 -13.21
C VAL A 137 -0.57 -18.32 -14.18
N ALA A 138 -0.33 -18.09 -15.47
CA ALA A 138 -0.72 -19.04 -16.51
C ALA A 138 0.31 -20.15 -16.70
N GLY A 139 1.42 -20.08 -15.96
CA GLY A 139 2.45 -21.10 -16.07
C GLY A 139 3.75 -20.70 -15.40
N TYR A 140 4.86 -21.15 -15.96
CA TYR A 140 6.17 -20.89 -15.38
C TYR A 140 6.74 -19.55 -15.83
N LEU A 141 7.16 -18.74 -14.87
CA LEU A 141 7.86 -17.50 -15.16
C LEU A 141 9.36 -17.69 -14.96
N SER A 142 10.16 -16.81 -15.55
CA SER A 142 11.60 -16.83 -15.29
C SER A 142 11.83 -16.47 -13.83
N PRO A 143 12.93 -16.96 -13.25
CA PRO A 143 13.27 -16.60 -11.87
C PRO A 143 13.30 -15.09 -11.65
N ARG A 144 13.76 -14.36 -12.65
CA ARG A 144 13.81 -12.90 -12.56
C ARG A 144 12.41 -12.31 -12.40
N ASP A 145 11.46 -12.81 -13.18
CA ASP A 145 10.10 -12.28 -13.17
C ASP A 145 9.34 -12.68 -11.92
N PHE A 146 9.56 -13.90 -11.46
CA PHE A 146 8.88 -14.38 -10.25
C PHE A 146 9.39 -13.67 -9.01
N LEU A 147 10.70 -13.45 -8.94
CA LEU A 147 11.30 -12.77 -7.80
C LEU A 147 10.93 -11.30 -7.80
N ALA A 148 10.76 -10.73 -8.99
CA ALA A 148 10.34 -9.35 -9.14
C ALA A 148 8.99 -9.13 -8.46
N GLY A 149 8.15 -10.17 -8.49
CA GLY A 149 6.87 -10.12 -7.84
C GLY A 149 7.00 -10.02 -6.34
N LEU A 150 7.95 -10.77 -5.78
CA LEU A 150 8.19 -10.78 -4.35
C LEU A 150 8.64 -9.41 -3.83
N ALA A 151 9.29 -8.64 -4.69
CA ALA A 151 9.74 -7.29 -4.34
C ALA A 151 8.55 -6.38 -4.02
N TYR A 152 7.40 -6.71 -4.58
CA TYR A 152 6.16 -5.98 -4.32
C TYR A 152 5.27 -6.76 -3.37
N ARG A 153 5.83 -7.79 -2.75
CA ARG A 153 5.08 -8.73 -1.91
C ARG A 153 3.91 -9.31 -2.70
N VAL A 154 4.17 -9.71 -3.93
CA VAL A 154 3.17 -10.33 -4.77
C VAL A 154 3.63 -11.73 -5.15
N PHE A 155 2.85 -12.74 -4.72
CA PHE A 155 3.19 -14.12 -5.00
C PHE A 155 2.31 -14.67 -6.11
N HIS A 156 2.93 -15.06 -7.23
CA HIS A 156 2.19 -15.63 -8.35
C HIS A 156 1.79 -17.07 -8.05
N CYS A 157 0.50 -17.35 -8.12
CA CYS A 157 -0.03 -18.66 -7.77
C CYS A 157 -0.72 -19.35 -8.94
N THR A 158 -0.65 -20.67 -8.97
CA THR A 158 -1.39 -21.45 -9.94
C THR A 158 -2.78 -21.73 -9.38
N GLN A 159 -3.73 -22.05 -10.27
CA GLN A 159 -5.10 -22.33 -9.83
C GLN A 159 -5.51 -23.77 -10.11
N TYR A 160 -4.76 -24.45 -10.96
CA TYR A 160 -5.13 -25.81 -11.36
C TYR A 160 -4.85 -26.82 -10.25
N ILE A 161 -5.60 -27.92 -10.28
CA ILE A 161 -5.39 -29.02 -9.34
C ILE A 161 -4.55 -30.10 -10.01
N ARG A 162 -3.73 -30.78 -9.23
CA ARG A 162 -2.94 -31.91 -9.73
C ARG A 162 -3.86 -33.01 -10.24
N HIS A 163 -3.31 -33.92 -11.03
CA HIS A 163 -4.09 -35.02 -11.59
C HIS A 163 -4.62 -35.93 -10.48
N GLY A 164 -5.88 -36.30 -10.57
CA GLY A 164 -6.55 -37.05 -9.52
C GLY A 164 -6.10 -38.49 -9.36
N SER A 165 -5.27 -38.97 -10.28
CA SER A 165 -4.82 -40.35 -10.24
C SER A 165 -3.94 -40.62 -9.02
N ASP A 166 -3.20 -39.60 -8.60
CA ASP A 166 -2.32 -39.73 -7.44
C ASP A 166 -2.19 -38.40 -6.71
N PRO A 167 -3.12 -38.11 -5.80
CA PRO A 167 -3.16 -36.84 -5.04
C PRO A 167 -1.93 -36.60 -4.19
N LEU A 168 -1.23 -37.67 -3.79
CA LEU A 168 -0.06 -37.53 -2.93
C LEU A 168 1.21 -37.38 -3.74
N TYR A 169 1.08 -36.86 -4.95
CA TYR A 169 2.23 -36.68 -5.84
C TYR A 169 1.96 -35.61 -6.90
N THR A 170 2.94 -34.73 -7.11
CA THR A 170 2.83 -33.69 -8.12
C THR A 170 4.19 -33.22 -8.60
N PRO A 171 4.42 -33.28 -9.93
CA PRO A 171 5.68 -32.83 -10.53
C PRO A 171 5.74 -31.30 -10.62
N GLU A 172 4.59 -30.66 -10.49
CA GLU A 172 4.49 -29.21 -10.68
C GLU A 172 3.74 -28.56 -9.52
N PRO A 173 3.97 -27.26 -9.31
CA PRO A 173 3.30 -26.54 -8.22
C PRO A 173 1.84 -26.21 -8.52
N ASP A 174 0.94 -27.12 -8.16
CA ASP A 174 -0.49 -26.87 -8.33
C ASP A 174 -1.00 -25.97 -7.22
N THR A 175 -2.30 -25.67 -7.23
CA THR A 175 -2.86 -24.73 -6.27
C THR A 175 -2.94 -25.32 -4.87
N CYS A 176 -2.88 -26.66 -4.78
CA CYS A 176 -2.83 -27.32 -3.49
C CYS A 176 -1.51 -27.00 -2.80
N HIS A 177 -0.44 -26.97 -3.59
CA HIS A 177 0.88 -26.63 -3.11
C HIS A 177 0.97 -25.18 -2.65
N GLU A 178 0.32 -24.29 -3.40
CA GLU A 178 0.36 -22.86 -3.08
C GLU A 178 -0.41 -22.56 -1.80
N LEU A 179 -1.62 -23.10 -1.69
CA LEU A 179 -2.51 -22.79 -0.58
C LEU A 179 -2.08 -23.46 0.72
N LEU A 180 -1.56 -24.67 0.63
CA LEU A 180 -1.18 -25.42 1.83
C LEU A 180 0.29 -25.29 2.17
N GLY A 181 1.07 -24.74 1.23
CA GLY A 181 2.50 -24.63 1.42
C GLY A 181 2.98 -23.20 1.64
N HIS A 182 2.62 -22.31 0.73
CA HIS A 182 3.11 -20.94 0.77
C HIS A 182 2.24 -20.01 1.60
N VAL A 183 0.93 -20.05 1.35
CA VAL A 183 -0.01 -19.10 1.95
C VAL A 183 0.06 -18.98 3.48
N PRO A 184 0.08 -20.12 4.21
CA PRO A 184 0.06 -19.95 5.67
C PRO A 184 1.29 -19.24 6.26
N LEU A 185 2.39 -19.19 5.50
CA LEU A 185 3.57 -18.48 5.95
C LEU A 185 3.62 -17.05 5.42
N LEU A 186 2.95 -16.82 4.29
CA LEU A 186 2.87 -15.48 3.72
C LEU A 186 2.08 -14.55 4.63
N ALA A 187 1.23 -15.13 5.48
CA ALA A 187 0.43 -14.37 6.42
C ALA A 187 1.27 -13.86 7.59
N ASP A 188 2.47 -14.40 7.72
CA ASP A 188 3.38 -13.96 8.79
C ASP A 188 4.25 -12.80 8.32
N PRO A 189 4.18 -11.66 9.03
CA PRO A 189 4.91 -10.43 8.69
C PRO A 189 6.41 -10.64 8.53
N LYS A 190 7.05 -11.30 9.50
CA LYS A 190 8.50 -11.49 9.48
C LYS A 190 8.92 -12.33 8.28
N PHE A 191 8.07 -13.28 7.90
CA PHE A 191 8.33 -14.11 6.74
C PHE A 191 8.13 -13.33 5.45
N ALA A 192 7.10 -12.48 5.44
CA ALA A 192 6.81 -11.65 4.28
C ALA A 192 7.95 -10.70 3.98
N GLN A 193 8.52 -10.10 5.02
CA GLN A 193 9.68 -9.23 4.86
C GLN A 193 10.86 -10.01 4.31
N PHE A 194 11.04 -11.23 4.81
CA PHE A 194 12.11 -12.11 4.36
C PHE A 194 11.96 -12.46 2.88
N SER A 195 10.73 -12.77 2.47
CA SER A 195 10.46 -13.11 1.07
C SER A 195 10.66 -11.90 0.16
N GLN A 196 10.32 -10.72 0.66
CA GLN A 196 10.47 -9.49 -0.10
C GLN A 196 11.94 -9.11 -0.27
N GLU A 197 12.77 -9.51 0.69
CA GLU A 197 14.20 -9.25 0.64
C GLU A 197 14.84 -9.87 -0.60
N ILE A 198 14.51 -11.12 -0.86
CA ILE A 198 15.04 -11.85 -2.01
C ILE A 198 14.62 -11.14 -3.29
N GLY A 199 13.38 -10.69 -3.33
CA GLY A 199 12.85 -9.99 -4.49
C GLY A 199 13.55 -8.68 -4.77
N LEU A 200 13.76 -7.88 -3.73
CA LEU A 200 14.41 -6.59 -3.87
C LEU A 200 15.85 -6.74 -4.32
N ALA A 201 16.49 -7.83 -3.89
CA ALA A 201 17.89 -8.07 -4.22
C ALA A 201 18.07 -8.50 -5.68
N SER A 202 16.98 -8.92 -6.33
CA SER A 202 17.06 -9.38 -7.70
C SER A 202 16.84 -8.26 -8.72
N LEU A 203 16.21 -7.18 -8.27
CA LEU A 203 15.89 -6.06 -9.16
C LEU A 203 17.14 -5.42 -9.75
N GLY A 204 17.32 -5.59 -11.05
CA GLY A 204 18.45 -4.99 -11.75
C GLY A 204 19.71 -5.82 -11.66
N ALA A 205 19.61 -6.97 -11.01
CA ALA A 205 20.77 -7.84 -10.81
C ALA A 205 21.05 -8.66 -12.07
N SER A 206 22.24 -9.25 -12.12
CA SER A 206 22.63 -10.09 -13.25
C SER A 206 21.95 -11.45 -13.16
N ASP A 207 21.92 -12.17 -14.27
CA ASP A 207 21.28 -13.48 -14.33
C ASP A 207 21.96 -14.47 -13.39
N GLU A 208 23.27 -14.32 -13.22
CA GLU A 208 24.03 -15.18 -12.33
C GLU A 208 23.62 -14.98 -10.88
N ASP A 209 23.45 -13.72 -10.48
CA ASP A 209 23.03 -13.41 -9.13
C ASP A 209 21.57 -13.79 -8.90
N VAL A 210 20.74 -13.60 -9.91
CA VAL A 210 19.33 -13.97 -9.82
C VAL A 210 19.19 -15.48 -9.63
N GLN A 211 20.04 -16.24 -10.32
CA GLN A 211 20.02 -17.70 -10.17
C GLN A 211 20.45 -18.10 -8.76
N LYS A 212 21.31 -17.30 -8.16
CA LYS A 212 21.75 -17.56 -6.79
C LYS A 212 20.61 -17.30 -5.80
N LEU A 213 19.91 -16.19 -5.99
CA LEU A 213 18.76 -15.85 -5.15
C LEU A 213 17.66 -16.89 -5.31
N ALA A 214 17.51 -17.40 -6.52
CA ALA A 214 16.51 -18.44 -6.78
C ALA A 214 16.87 -19.70 -6.02
N THR A 215 18.17 -19.97 -5.91
CA THR A 215 18.64 -21.13 -5.16
C THR A 215 18.41 -20.93 -3.67
N CYS A 216 18.67 -19.72 -3.18
CA CYS A 216 18.41 -19.38 -1.79
C CYS A 216 16.91 -19.45 -1.51
N TYR A 217 16.11 -19.06 -2.49
CA TYR A 217 14.66 -19.19 -2.41
C TYR A 217 14.28 -20.66 -2.27
N PHE A 218 14.97 -21.50 -3.03
CA PHE A 218 14.69 -22.93 -3.06
C PHE A 218 14.92 -23.59 -1.71
N PHE A 219 16.09 -23.37 -1.12
CA PHE A 219 16.45 -24.05 0.12
C PHE A 219 15.97 -23.32 1.37
N THR A 220 15.05 -22.38 1.18
CA THR A 220 14.43 -21.69 2.31
C THR A 220 12.92 -21.67 2.17
N ILE A 221 12.42 -20.82 1.28
CA ILE A 221 10.98 -20.69 1.04
C ILE A 221 10.37 -22.02 0.60
N GLU A 222 11.09 -22.74 -0.25
CA GLU A 222 10.57 -23.98 -0.80
C GLU A 222 10.95 -25.18 0.09
N PHE A 223 12.23 -25.32 0.39
CA PHE A 223 12.69 -26.43 1.23
C PHE A 223 13.56 -25.95 2.38
N GLY A 224 12.92 -25.40 3.41
CA GLY A 224 13.65 -24.84 4.54
C GLY A 224 13.16 -25.33 5.88
N LEU A 225 14.09 -25.42 6.84
CA LEU A 225 13.77 -25.82 8.20
C LEU A 225 14.04 -24.66 9.15
N CYS A 226 13.31 -24.62 10.27
CA CYS A 226 13.52 -23.60 11.29
C CYS A 226 13.56 -24.21 12.68
N LYS A 227 14.63 -23.91 13.42
CA LYS A 227 14.79 -24.41 14.77
C LYS A 227 13.98 -23.57 15.76
N GLN A 228 12.96 -24.19 16.34
CA GLN A 228 12.14 -23.50 17.33
C GLN A 228 12.13 -24.25 18.66
N GLU A 229 12.77 -23.65 19.66
CA GLU A 229 12.84 -24.21 21.01
C GLU A 229 13.46 -25.61 21.01
N GLY A 230 14.54 -25.78 20.26
CA GLY A 230 15.23 -27.05 20.19
C GLY A 230 14.63 -28.00 19.16
N GLN A 231 13.30 -28.05 19.12
CA GLN A 231 12.60 -28.91 18.19
C GLN A 231 12.76 -28.42 16.75
N LEU A 232 12.89 -29.36 15.83
CA LEU A 232 13.04 -29.03 14.41
C LEU A 232 11.69 -28.96 13.72
N ARG A 233 11.45 -27.87 12.99
CA ARG A 233 10.20 -27.69 12.28
C ARG A 233 10.44 -27.26 10.84
N ALA A 234 9.57 -27.72 9.93
CA ALA A 234 9.68 -27.36 8.53
C ALA A 234 8.81 -26.14 8.23
N TYR A 235 9.35 -25.22 7.42
CA TYR A 235 8.60 -24.05 6.99
C TYR A 235 8.60 -23.93 5.47
N GLY A 236 9.43 -24.73 4.82
CA GLY A 236 9.50 -24.75 3.37
C GLY A 236 8.21 -25.27 2.76
N ALA A 237 7.74 -24.59 1.72
CA ALA A 237 6.45 -24.93 1.10
C ALA A 237 6.49 -26.29 0.42
N GLY A 238 7.65 -26.64 -0.14
CA GLY A 238 7.83 -27.93 -0.79
C GLY A 238 7.73 -29.07 0.22
N LEU A 239 8.19 -28.81 1.43
CA LEU A 239 8.13 -29.79 2.51
C LEU A 239 6.70 -29.91 3.05
N LEU A 240 6.04 -28.76 3.19
CA LEU A 240 4.68 -28.74 3.73
C LEU A 240 3.65 -29.27 2.73
N SER A 241 4.11 -29.56 1.51
CA SER A 241 3.23 -30.11 0.48
C SER A 241 3.42 -31.62 0.35
N SER A 242 4.67 -32.05 0.23
CA SER A 242 5.00 -33.46 0.12
C SER A 242 4.98 -34.13 1.50
N ILE A 243 4.06 -35.08 1.69
CA ILE A 243 3.92 -35.73 2.98
C ILE A 243 5.09 -36.65 3.28
N GLY A 244 5.80 -37.08 2.24
CA GLY A 244 6.90 -38.02 2.39
C GLY A 244 8.21 -37.33 2.73
N GLU A 245 8.45 -36.20 2.10
CA GLU A 245 9.68 -35.44 2.31
C GLU A 245 9.57 -34.60 3.58
N LEU A 246 8.35 -34.38 4.03
CA LEU A 246 8.10 -33.64 5.26
C LEU A 246 8.61 -34.41 6.47
N LYS A 247 8.24 -35.69 6.54
CA LYS A 247 8.67 -36.55 7.64
C LYS A 247 10.14 -36.91 7.52
N HIS A 248 10.66 -36.85 6.31
CA HIS A 248 12.06 -37.16 6.05
C HIS A 248 12.99 -36.05 6.51
N ALA A 249 12.58 -34.80 6.29
CA ALA A 249 13.39 -33.65 6.65
C ALA A 249 13.52 -33.51 8.17
N LEU A 250 12.58 -34.13 8.89
CA LEU A 250 12.59 -34.09 10.35
C LEU A 250 13.00 -35.45 10.93
N SER A 251 13.48 -36.33 10.06
CA SER A 251 13.91 -37.65 10.48
C SER A 251 15.38 -37.65 10.89
N ASP A 252 15.96 -38.83 11.03
CA ASP A 252 17.35 -38.97 11.46
C ASP A 252 18.27 -39.31 10.30
N LYS A 253 17.68 -39.74 9.19
CA LYS A 253 18.45 -40.16 8.03
C LYS A 253 18.56 -39.02 7.00
N ALA A 254 18.50 -37.78 7.48
CA ALA A 254 18.59 -36.63 6.59
C ALA A 254 19.71 -35.68 7.03
N CYS A 255 20.53 -35.27 6.07
CA CYS A 255 21.60 -34.32 6.34
C CYS A 255 21.06 -32.92 6.58
N VAL A 256 21.31 -32.38 7.77
CA VAL A 256 20.80 -31.07 8.14
C VAL A 256 21.92 -30.07 8.38
N LYS A 257 21.89 -28.96 7.65
CA LYS A 257 22.90 -27.92 7.77
C LYS A 257 22.27 -26.58 8.14
N ALA A 258 23.10 -25.53 8.19
CA ALA A 258 22.62 -24.19 8.49
C ALA A 258 22.58 -23.34 7.24
N PHE A 259 21.62 -22.42 7.17
CA PHE A 259 21.44 -21.59 5.99
C PHE A 259 22.55 -20.54 5.85
N ASP A 260 23.47 -20.79 4.93
CA ASP A 260 24.52 -19.84 4.61
C ASP A 260 24.42 -19.42 3.13
N PRO A 261 23.88 -18.21 2.89
CA PRO A 261 23.55 -17.65 1.58
C PRO A 261 24.64 -17.85 0.52
N LYS A 262 25.90 -17.62 0.88
CA LYS A 262 27.00 -17.73 -0.08
C LYS A 262 27.28 -19.17 -0.47
N THR A 263 27.06 -20.08 0.48
CA THR A 263 27.33 -21.51 0.25
C THR A 263 26.08 -22.22 -0.26
N THR A 264 24.93 -21.80 0.23
CA THR A 264 23.66 -22.43 -0.13
C THR A 264 23.29 -22.15 -1.58
N CYS A 265 23.67 -20.98 -2.08
CA CYS A 265 23.33 -20.58 -3.45
C CYS A 265 24.15 -21.37 -4.47
N LEU A 266 25.09 -22.17 -3.99
CA LEU A 266 25.90 -23.02 -4.87
C LEU A 266 25.42 -24.47 -4.83
N GLN A 267 24.50 -24.75 -3.90
CA GLN A 267 23.94 -26.09 -3.76
C GLN A 267 23.02 -26.43 -4.93
N GLU A 268 23.03 -27.70 -5.34
CA GLU A 268 22.22 -28.13 -6.47
C GLU A 268 20.76 -28.35 -6.09
N CYS A 269 19.85 -27.69 -6.81
CA CYS A 269 18.42 -27.85 -6.59
C CYS A 269 17.90 -29.10 -7.30
N LEU A 270 17.48 -30.09 -6.51
CA LEU A 270 17.05 -31.37 -7.06
C LEU A 270 15.52 -31.43 -7.20
N ILE A 271 15.02 -31.39 -8.44
CA ILE A 271 13.58 -31.47 -8.68
C ILE A 271 13.10 -32.90 -8.39
N THR A 272 13.90 -33.87 -8.84
CA THR A 272 13.68 -35.26 -8.47
C THR A 272 14.15 -35.55 -7.05
N THR A 273 13.23 -35.36 -6.10
CA THR A 273 13.41 -35.59 -4.68
C THR A 273 14.16 -36.90 -4.33
N PHE A 274 14.87 -36.95 -3.20
CA PHE A 274 14.94 -35.88 -2.19
C PHE A 274 16.14 -34.95 -2.39
N GLN A 275 16.33 -34.05 -1.43
CA GLN A 275 17.45 -33.11 -1.44
C GLN A 275 18.64 -33.67 -0.68
N GLU A 276 19.84 -33.23 -1.04
CA GLU A 276 21.07 -33.71 -0.40
C GLU A 276 21.20 -33.20 1.03
N ALA A 277 20.74 -31.97 1.25
CA ALA A 277 20.81 -31.36 2.58
C ALA A 277 19.66 -30.38 2.81
N TYR A 278 19.35 -30.14 4.08
CA TYR A 278 18.31 -29.18 4.44
C TYR A 278 18.88 -28.11 5.35
N PHE A 279 18.65 -26.85 4.99
CA PHE A 279 19.25 -25.73 5.71
C PHE A 279 18.32 -25.16 6.77
N VAL A 280 18.90 -24.74 7.89
CA VAL A 280 18.12 -24.31 9.03
C VAL A 280 18.39 -22.85 9.41
N SER A 281 17.32 -22.10 9.62
CA SER A 281 17.42 -20.75 10.15
C SER A 281 16.80 -20.70 11.55
N GLU A 282 17.33 -19.83 12.40
CA GLU A 282 16.82 -19.71 13.76
C GLU A 282 15.45 -19.03 13.75
N SER A 283 15.29 -18.04 12.87
CA SER A 283 14.03 -17.32 12.75
C SER A 283 13.92 -16.63 11.39
N PHE A 284 12.79 -15.99 11.15
CA PHE A 284 12.58 -15.26 9.90
C PHE A 284 13.19 -13.87 9.98
N GLU A 285 13.56 -13.46 11.19
CA GLU A 285 14.28 -12.21 11.38
C GLU A 285 15.74 -12.41 11.01
N GLU A 286 16.30 -13.55 11.42
CA GLU A 286 17.66 -13.92 11.06
C GLU A 286 17.75 -14.21 9.56
N ALA A 287 16.72 -14.89 9.05
CA ALA A 287 16.64 -15.19 7.63
C ALA A 287 16.62 -13.90 6.82
N LYS A 288 15.83 -12.93 7.28
CA LYS A 288 15.78 -11.61 6.67
C LYS A 288 17.15 -10.94 6.74
N GLU A 289 17.82 -11.11 7.88
CA GLU A 289 19.17 -10.58 8.07
C GLU A 289 20.17 -11.22 7.12
N LYS A 290 19.96 -12.50 6.83
CA LYS A 290 20.85 -13.25 5.95
C LYS A 290 20.75 -12.74 4.51
N MET A 291 19.55 -12.35 4.11
CA MET A 291 19.33 -11.84 2.75
C MET A 291 19.57 -10.33 2.66
N ARG A 292 19.38 -9.64 3.77
CA ARG A 292 19.65 -8.21 3.84
C ARG A 292 21.15 -7.98 3.68
N ASP A 293 21.94 -8.91 4.20
CA ASP A 293 23.39 -8.83 4.12
C ASP A 293 23.90 -9.32 2.77
N PHE A 294 23.24 -10.34 2.23
CA PHE A 294 23.69 -10.99 1.00
C PHE A 294 23.49 -10.09 -0.22
N ALA A 295 22.53 -9.18 -0.14
CA ALA A 295 22.22 -8.28 -1.24
C ALA A 295 23.37 -7.30 -1.51
N LYS A 296 24.22 -7.11 -0.50
CA LYS A 296 25.38 -6.24 -0.64
C LYS A 296 26.41 -6.83 -1.58
N SER A 297 26.42 -8.15 -1.68
CA SER A 297 27.39 -8.84 -2.53
C SER A 297 26.99 -8.79 -4.01
N ILE A 298 25.70 -8.64 -4.26
CA ILE A 298 25.20 -8.56 -5.63
C ILE A 298 25.57 -7.22 -6.26
N THR A 299 26.14 -7.27 -7.46
CA THR A 299 26.65 -6.07 -8.11
C THR A 299 25.58 -5.33 -8.90
N ARG A 300 25.38 -4.07 -8.55
CA ARG A 300 24.52 -3.16 -9.30
C ARG A 300 24.82 -1.73 -8.86
N PRO A 301 24.75 -0.78 -9.81
CA PRO A 301 25.13 0.63 -9.60
C PRO A 301 24.37 1.32 -8.48
N PHE A 302 23.23 0.75 -8.07
CA PHE A 302 22.36 1.43 -7.12
C PHE A 302 21.84 0.47 -6.04
N SER A 303 21.09 1.03 -5.11
CA SER A 303 20.37 0.25 -4.13
C SER A 303 18.88 0.58 -4.24
N VAL A 304 18.02 -0.34 -3.85
CA VAL A 304 16.59 -0.12 -3.99
C VAL A 304 15.91 0.08 -2.64
N TYR A 305 14.86 0.89 -2.65
CA TYR A 305 14.06 1.14 -1.46
C TYR A 305 12.58 1.06 -1.83
N PHE A 306 11.87 0.11 -1.22
CA PHE A 306 10.47 -0.10 -1.54
C PHE A 306 9.58 0.95 -0.90
N ASN A 307 8.76 1.60 -1.72
CA ASN A 307 7.78 2.58 -1.24
C ASN A 307 6.40 1.93 -1.14
N PRO A 308 5.99 1.56 0.08
CA PRO A 308 4.74 0.84 0.30
C PRO A 308 3.49 1.70 0.09
N TYR A 309 3.65 3.02 0.13
CA TYR A 309 2.53 3.94 -0.06
C TYR A 309 2.12 4.01 -1.54
N THR A 310 3.09 4.02 -2.43
CA THR A 310 2.83 4.11 -3.86
C THR A 310 3.05 2.77 -4.57
N GLN A 311 3.52 1.77 -3.81
CA GLN A 311 3.84 0.46 -4.35
C GLN A 311 4.79 0.57 -5.53
N SER A 312 5.91 1.25 -5.30
CA SER A 312 6.90 1.48 -6.34
C SER A 312 8.31 1.28 -5.81
N ILE A 313 9.29 1.31 -6.70
CA ILE A 313 10.68 1.11 -6.31
C ILE A 313 11.46 2.41 -6.39
N GLU A 314 11.95 2.87 -5.25
CA GLU A 314 12.79 4.06 -5.19
C GLU A 314 14.24 3.69 -5.46
N ILE A 315 14.82 4.28 -6.50
CA ILE A 315 16.23 4.04 -6.82
C ILE A 315 17.13 5.01 -6.08
N LEU A 316 17.93 4.48 -5.15
CA LEU A 316 18.84 5.31 -4.38
C LEU A 316 20.14 5.54 -5.15
N LYS A 317 20.14 6.58 -5.99
CA LYS A 317 21.26 6.87 -6.86
C LYS A 317 22.00 8.15 -6.45
N ASP A 318 21.30 9.04 -5.79
CA ASP A 318 21.88 10.31 -5.36
C ASP A 318 21.78 10.49 -3.85
N THR A 319 22.41 11.54 -3.34
CA THR A 319 22.39 11.81 -1.90
C THR A 319 21.04 12.36 -1.47
N ARG A 320 20.24 12.84 -2.42
CA ARG A 320 18.96 13.44 -2.10
C ARG A 320 17.93 12.40 -1.69
N SER A 321 17.90 11.27 -2.40
CA SER A 321 16.98 10.20 -2.07
C SER A 321 17.39 9.51 -0.77
N ILE A 322 18.69 9.43 -0.55
CA ILE A 322 19.23 8.83 0.68
C ILE A 322 18.91 9.70 1.89
N GLU A 323 19.18 11.00 1.77
CA GLU A 323 18.90 11.95 2.84
C GLU A 323 17.39 11.97 3.15
N ASN A 324 16.59 11.77 2.12
CA ASN A 324 15.14 11.75 2.28
C ASN A 324 14.71 10.56 3.14
N VAL A 325 15.38 9.43 2.94
CA VAL A 325 15.10 8.23 3.72
C VAL A 325 15.50 8.44 5.18
N VAL A 326 16.71 8.95 5.39
CA VAL A 326 17.22 9.18 6.74
C VAL A 326 16.31 10.13 7.52
N GLN A 327 15.82 11.17 6.84
CA GLN A 327 14.92 12.13 7.48
C GLN A 327 13.64 11.47 7.96
N ASP A 328 13.11 10.56 7.16
CA ASP A 328 11.91 9.82 7.55
C ASP A 328 12.19 8.95 8.76
N LEU A 329 13.40 8.40 8.83
CA LEU A 329 13.79 7.57 9.97
C LEU A 329 13.94 8.40 11.22
N ARG A 330 14.36 9.66 11.06
CA ARG A 330 14.43 10.59 12.18
C ARG A 330 13.05 10.93 12.71
N SER A 331 12.07 10.95 11.81
CA SER A 331 10.70 11.21 12.21
C SER A 331 10.11 10.01 12.94
N ASP A 332 10.41 8.82 12.43
CA ASP A 332 9.93 7.59 13.05
C ASP A 332 10.56 7.38 14.42
N LEU A 333 11.83 7.75 14.56
CA LEU A 333 12.52 7.66 15.84
C LEU A 333 11.91 8.62 16.85
N ASN A 334 11.37 9.73 16.35
CA ASN A 334 10.69 10.70 17.19
C ASN A 334 9.41 10.11 17.77
N THR A 335 8.69 9.35 16.94
CA THR A 335 7.49 8.66 17.39
C THR A 335 7.85 7.63 18.47
N VAL A 336 8.96 6.94 18.27
CA VAL A 336 9.47 5.99 19.24
C VAL A 336 9.72 6.67 20.59
N CYS A 337 10.31 7.85 20.55
CA CYS A 337 10.54 8.62 21.76
C CYS A 337 9.23 9.01 22.43
N ASP A 338 8.24 9.40 21.63
CA ASP A 338 6.93 9.76 22.14
C ASP A 338 6.28 8.60 22.88
N ALA A 339 6.38 7.41 22.29
CA ALA A 339 5.83 6.21 22.91
C ALA A 339 6.56 5.88 24.19
N LEU A 340 7.87 6.10 24.19
CA LEU A 340 8.69 5.89 25.37
C LEU A 340 8.29 6.86 26.49
N ASN A 341 8.04 8.11 26.13
CA ASN A 341 7.64 9.12 27.11
C ASN A 341 6.24 8.86 27.66
N LYS A 342 5.33 8.43 26.80
CA LYS A 342 3.97 8.13 27.24
C LYS A 342 3.96 6.92 28.16
N MET A 343 4.88 5.99 27.94
CA MET A 343 5.00 4.82 28.80
C MET A 343 5.47 5.23 30.19
N ASN A 344 6.39 6.18 30.26
CA ASN A 344 6.86 6.70 31.52
C ASN A 344 5.77 7.50 32.24
N GLN A 345 4.95 8.18 31.44
CA GLN A 345 3.89 9.03 31.98
C GLN A 345 2.77 8.23 32.63
N TYR A 346 2.47 7.07 32.08
CA TYR A 346 1.35 6.26 32.57
C TYR A 346 1.79 5.06 33.39
N LEU A 347 2.79 4.32 32.91
CA LEU A 347 3.24 3.12 33.61
C LEU A 347 4.26 3.46 34.70
N GLY A 348 4.78 4.68 34.67
CA GLY A 348 5.73 5.12 35.67
C GLY A 348 7.09 4.46 35.52
N ILE A 349 7.51 4.29 34.27
CA ILE A 349 8.83 3.72 33.98
C ILE A 349 9.37 4.24 32.65
N ASP B 9 -12.42 4.96 28.54
CA ASP B 9 -11.67 4.48 27.38
C ASP B 9 -11.59 5.56 26.31
N VAL B 10 -10.60 5.45 25.43
CA VAL B 10 -10.39 6.41 24.37
C VAL B 10 -11.48 6.35 23.31
N PRO B 11 -11.77 7.48 22.65
CA PRO B 11 -12.75 7.52 21.55
C PRO B 11 -12.37 6.56 20.43
N TRP B 12 -13.37 5.98 19.76
CA TRP B 12 -13.12 4.99 18.73
C TRP B 12 -12.48 5.58 17.49
N PHE B 13 -11.53 4.85 16.92
CA PHE B 13 -10.94 5.20 15.64
C PHE B 13 -10.64 3.92 14.86
N PRO B 14 -10.76 3.97 13.53
CA PRO B 14 -10.52 2.79 12.69
C PRO B 14 -9.08 2.30 12.79
N ARG B 15 -8.91 1.03 13.17
CA ARG B 15 -7.58 0.44 13.31
C ARG B 15 -7.16 -0.23 12.01
N LYS B 16 -8.11 -0.44 11.12
CA LYS B 16 -7.84 -0.98 9.78
C LYS B 16 -8.53 -0.13 8.72
N ILE B 17 -8.07 -0.24 7.48
CA ILE B 17 -8.63 0.56 6.39
C ILE B 17 -10.04 0.11 6.05
N SER B 18 -10.36 -1.15 6.38
CA SER B 18 -11.68 -1.69 6.13
C SER B 18 -12.70 -1.16 7.13
N GLU B 19 -12.22 -0.50 8.18
CA GLU B 19 -13.09 0.06 9.20
C GLU B 19 -13.34 1.53 8.97
N LEU B 20 -12.83 2.06 7.86
CA LEU B 20 -12.97 3.47 7.53
C LEU B 20 -14.36 3.75 6.93
N ASP B 21 -15.09 2.68 6.62
CA ASP B 21 -16.44 2.82 6.09
C ASP B 21 -17.38 3.41 7.13
N LYS B 22 -17.11 3.15 8.40
CA LYS B 22 -17.91 3.68 9.48
C LYS B 22 -17.72 5.19 9.62
N CYS B 23 -16.62 5.69 9.07
CA CYS B 23 -16.34 7.12 9.09
C CYS B 23 -16.88 7.80 7.84
N SER B 24 -16.95 7.04 6.74
CA SER B 24 -17.40 7.58 5.46
C SER B 24 -18.92 7.76 5.42
N HIS B 25 -19.63 6.75 5.91
CA HIS B 25 -21.09 6.75 5.86
C HIS B 25 -21.72 7.47 7.06
N ARG B 26 -20.88 7.94 7.98
CA ARG B 26 -21.37 8.70 9.12
C ARG B 26 -21.47 10.18 8.77
N VAL B 27 -22.38 10.51 7.86
CA VAL B 27 -22.54 11.87 7.40
C VAL B 27 -23.50 12.65 8.29
N LEU B 28 -23.00 13.73 8.89
CA LEU B 28 -23.82 14.59 9.74
C LEU B 28 -24.82 15.38 8.90
N MET B 29 -24.31 16.22 8.02
CA MET B 29 -25.15 17.00 7.12
C MET B 29 -25.01 16.53 5.68
N TYR B 30 -26.04 15.84 5.17
CA TYR B 30 -26.02 15.32 3.81
C TYR B 30 -26.12 16.43 2.78
N GLY B 31 -25.99 16.06 1.51
CA GLY B 31 -26.10 17.01 0.41
C GLY B 31 -27.54 17.31 0.08
N SER B 32 -28.45 16.51 0.63
CA SER B 32 -29.88 16.71 0.41
C SER B 32 -30.40 17.90 1.20
N GLU B 33 -29.96 18.01 2.45
CA GLU B 33 -30.36 19.12 3.31
C GLU B 33 -29.63 20.41 2.93
N LEU B 34 -30.39 21.38 2.41
CA LEU B 34 -29.81 22.64 1.98
C LEU B 34 -30.51 23.83 2.65
N ASP B 35 -29.74 24.87 2.94
CA ASP B 35 -30.29 26.07 3.56
C ASP B 35 -31.04 26.92 2.54
N ALA B 36 -31.73 27.94 3.02
CA ALA B 36 -32.49 28.83 2.15
C ALA B 36 -31.59 29.81 1.41
N ASP B 37 -30.34 29.92 1.88
CA ASP B 37 -29.38 30.83 1.27
C ASP B 37 -28.76 30.23 0.01
N HIS B 38 -29.01 28.94 -0.21
CA HIS B 38 -28.49 28.24 -1.38
C HIS B 38 -29.16 28.72 -2.66
N PRO B 39 -28.40 28.77 -3.76
CA PRO B 39 -28.89 29.23 -5.07
C PRO B 39 -29.82 28.20 -5.72
N GLY B 40 -29.75 26.95 -5.27
CA GLY B 40 -30.59 25.90 -5.82
C GLY B 40 -31.66 25.45 -4.84
N PHE B 41 -31.87 26.24 -3.80
CA PHE B 41 -32.88 25.92 -2.79
C PHE B 41 -34.28 26.03 -3.37
N LYS B 42 -34.47 26.97 -4.29
CA LYS B 42 -35.76 27.17 -4.93
C LYS B 42 -35.81 26.49 -6.29
N ASP B 43 -34.68 25.92 -6.71
CA ASP B 43 -34.59 25.24 -7.99
C ASP B 43 -34.75 23.73 -7.80
N ASN B 44 -35.89 23.21 -8.23
CA ASN B 44 -36.18 21.78 -8.10
C ASN B 44 -35.33 20.95 -9.06
N VAL B 45 -34.83 21.58 -10.11
CA VAL B 45 -33.99 20.90 -11.09
C VAL B 45 -32.62 20.58 -10.50
N TYR B 46 -32.15 21.43 -9.61
CA TYR B 46 -30.86 21.23 -8.96
C TYR B 46 -31.02 20.56 -7.61
N ARG B 47 -32.23 20.62 -7.06
CA ARG B 47 -32.53 19.99 -5.78
C ARG B 47 -32.53 18.47 -5.89
N GLN B 48 -33.03 17.98 -7.03
CA GLN B 48 -33.05 16.54 -7.28
C GLN B 48 -31.72 16.06 -7.85
N ARG B 49 -30.86 17.01 -8.19
CA ARG B 49 -29.55 16.70 -8.74
C ARG B 49 -28.58 16.30 -7.64
N ARG B 50 -28.49 17.12 -6.60
CA ARG B 50 -27.60 16.85 -5.48
C ARG B 50 -28.14 15.72 -4.59
N LYS B 51 -29.43 15.48 -4.68
CA LYS B 51 -30.06 14.38 -3.93
C LYS B 51 -29.65 13.05 -4.53
N TYR B 52 -29.23 13.07 -5.79
CA TYR B 52 -28.78 11.88 -6.49
C TYR B 52 -27.35 11.51 -6.09
N PHE B 53 -26.50 12.53 -5.92
CA PHE B 53 -25.12 12.32 -5.54
C PHE B 53 -25.01 11.71 -4.14
N VAL B 54 -25.98 12.02 -3.29
CA VAL B 54 -26.00 11.47 -1.93
C VAL B 54 -26.22 9.96 -1.96
N ASP B 55 -27.17 9.52 -2.77
CA ASP B 55 -27.49 8.11 -2.89
C ASP B 55 -26.33 7.31 -3.48
N VAL B 56 -25.57 7.95 -4.38
CA VAL B 56 -24.43 7.31 -5.01
C VAL B 56 -23.27 7.15 -4.04
N ALA B 57 -23.05 8.18 -3.22
CA ALA B 57 -21.97 8.18 -2.24
C ALA B 57 -22.23 7.17 -1.12
N MET B 58 -23.49 7.06 -0.70
CA MET B 58 -23.86 6.11 0.35
C MET B 58 -23.84 4.68 -0.17
N GLY B 59 -24.00 4.53 -1.48
CA GLY B 59 -23.96 3.21 -2.11
C GLY B 59 -22.53 2.73 -2.28
N TYR B 60 -21.59 3.65 -2.20
CA TYR B 60 -20.17 3.32 -2.33
C TYR B 60 -19.67 2.51 -1.14
N LYS B 61 -18.79 1.55 -1.42
CA LYS B 61 -18.19 0.73 -0.38
C LYS B 61 -16.70 0.52 -0.64
N TYR B 62 -15.97 0.19 0.42
CA TYR B 62 -14.53 -0.05 0.31
C TYR B 62 -14.23 -1.25 -0.59
N GLY B 63 -13.34 -1.05 -1.55
CA GLY B 63 -12.99 -2.10 -2.49
C GLY B 63 -13.58 -1.84 -3.87
N GLN B 64 -14.84 -1.45 -3.90
CA GLN B 64 -15.53 -1.14 -5.15
C GLN B 64 -15.05 0.18 -5.71
N PRO B 65 -14.80 0.23 -7.03
CA PRO B 65 -14.30 1.44 -7.70
C PRO B 65 -15.36 2.54 -7.76
N ILE B 66 -14.92 3.79 -7.72
CA ILE B 66 -15.83 4.93 -7.81
C ILE B 66 -16.45 5.02 -9.19
N PRO B 67 -17.79 4.90 -9.26
CA PRO B 67 -18.53 4.92 -10.53
C PRO B 67 -18.32 6.21 -11.31
N ARG B 68 -18.24 6.10 -12.63
CA ARG B 68 -18.09 7.28 -13.48
C ARG B 68 -19.38 8.09 -13.49
N VAL B 69 -19.26 9.40 -13.58
CA VAL B 69 -20.42 10.28 -13.54
C VAL B 69 -20.51 11.17 -14.78
N GLU B 70 -21.61 11.07 -15.51
CA GLU B 70 -21.87 11.94 -16.65
C GLU B 70 -23.12 12.78 -16.39
N TYR B 71 -22.94 14.08 -16.29
CA TYR B 71 -24.05 14.98 -15.99
C TYR B 71 -24.28 16.00 -17.10
N THR B 72 -25.07 17.03 -16.80
CA THR B 72 -25.47 18.02 -17.79
C THR B 72 -24.28 18.82 -18.32
N GLU B 73 -24.45 19.38 -19.51
CA GLU B 73 -23.41 20.22 -20.12
C GLU B 73 -23.28 21.54 -19.38
N GLU B 74 -24.36 21.94 -18.70
CA GLU B 74 -24.35 23.15 -17.89
C GLU B 74 -23.36 22.99 -16.73
N GLU B 75 -23.33 21.80 -16.15
CA GLU B 75 -22.39 21.50 -15.08
C GLU B 75 -20.96 21.51 -15.62
N THR B 76 -20.79 20.93 -16.80
CA THR B 76 -19.47 20.85 -17.43
C THR B 76 -19.01 22.24 -17.89
N LYS B 77 -19.95 23.09 -18.27
CA LYS B 77 -19.64 24.45 -18.67
C LYS B 77 -19.24 25.29 -17.47
N THR B 78 -19.94 25.08 -16.36
CA THR B 78 -19.64 25.78 -15.11
C THR B 78 -18.25 25.39 -14.61
N TRP B 79 -17.93 24.11 -14.75
CA TRP B 79 -16.61 23.60 -14.41
C TRP B 79 -15.53 24.27 -15.25
N GLY B 80 -15.84 24.48 -16.53
CA GLY B 80 -14.90 25.11 -17.45
C GLY B 80 -14.67 26.58 -17.13
N VAL B 81 -15.69 27.23 -16.57
CA VAL B 81 -15.58 28.63 -16.19
C VAL B 81 -14.64 28.80 -15.01
N VAL B 82 -14.85 28.01 -13.97
CA VAL B 82 -13.99 28.03 -12.79
C VAL B 82 -12.58 27.57 -13.15
N PHE B 83 -12.50 26.64 -14.11
CA PHE B 83 -11.22 26.12 -14.58
C PHE B 83 -10.41 27.21 -15.29
N ARG B 84 -11.09 28.00 -16.12
CA ARG B 84 -10.44 29.02 -16.93
C ARG B 84 -10.00 30.23 -16.10
N GLU B 85 -10.89 30.69 -15.22
CA GLU B 85 -10.60 31.88 -14.42
C GLU B 85 -9.51 31.65 -13.39
N LEU B 86 -9.55 30.50 -12.73
CA LEU B 86 -8.57 30.18 -11.70
C LEU B 86 -7.19 29.92 -12.30
N SER B 87 -7.17 29.49 -13.55
CA SER B 87 -5.91 29.17 -14.23
C SER B 87 -5.10 30.41 -14.56
N LYS B 88 -5.74 31.58 -14.49
CA LYS B 88 -5.08 32.83 -14.83
C LYS B 88 -4.22 33.34 -13.67
N LEU B 89 -4.53 32.91 -12.46
CA LEU B 89 -3.84 33.37 -11.26
C LEU B 89 -2.80 32.35 -10.77
N TYR B 90 -3.02 31.08 -11.11
CA TYR B 90 -2.16 30.00 -10.64
C TYR B 90 -0.65 30.16 -10.93
N PRO B 91 -0.28 30.63 -12.15
CA PRO B 91 1.17 30.76 -12.38
C PRO B 91 1.86 31.79 -11.49
N THR B 92 1.09 32.63 -10.80
CA THR B 92 1.67 33.68 -9.97
C THR B 92 1.16 33.65 -8.53
N HIS B 93 0.21 32.77 -8.25
CA HIS B 93 -0.36 32.70 -6.91
C HIS B 93 -0.20 31.32 -6.27
N ALA B 94 -0.15 30.28 -7.10
CA ALA B 94 -0.02 28.92 -6.60
C ALA B 94 1.43 28.57 -6.29
N CYS B 95 1.63 27.55 -5.46
CA CYS B 95 2.98 27.14 -5.07
C CYS B 95 3.64 26.30 -6.15
N ARG B 96 4.92 25.97 -5.95
CA ARG B 96 5.69 25.20 -6.91
C ARG B 96 5.12 23.80 -7.09
N GLU B 97 4.52 23.27 -6.04
CA GLU B 97 3.94 21.93 -6.07
C GLU B 97 2.70 21.90 -6.95
N TYR B 98 1.93 22.98 -6.93
CA TYR B 98 0.70 23.07 -7.70
C TYR B 98 0.99 23.11 -9.20
N LEU B 99 1.93 23.97 -9.60
CA LEU B 99 2.27 24.16 -11.00
C LEU B 99 2.97 22.95 -11.60
N LYS B 100 3.43 22.04 -10.75
CA LYS B 100 4.11 20.84 -11.21
C LYS B 100 3.13 19.67 -11.35
N ASN B 101 2.02 19.74 -10.63
CA ASN B 101 1.04 18.66 -10.63
C ASN B 101 -0.18 18.95 -11.50
N PHE B 102 -0.45 20.24 -11.72
CA PHE B 102 -1.61 20.64 -12.51
C PHE B 102 -1.57 20.16 -13.97
N PRO B 103 -0.42 20.33 -14.66
CA PRO B 103 -0.41 19.82 -16.04
C PRO B 103 -0.49 18.28 -16.10
N LEU B 104 -0.04 17.61 -15.06
CA LEU B 104 -0.12 16.16 -15.00
C LEU B 104 -1.57 15.70 -14.87
N LEU B 105 -2.38 16.52 -14.20
CA LEU B 105 -3.80 16.23 -14.04
C LEU B 105 -4.53 16.35 -15.37
N THR B 106 -4.07 17.26 -16.22
CA THR B 106 -4.69 17.48 -17.51
C THR B 106 -4.41 16.31 -18.45
N LYS B 107 -3.20 15.76 -18.36
CA LYS B 107 -2.78 14.68 -19.24
C LYS B 107 -3.48 13.36 -18.93
N TYR B 108 -3.60 13.04 -17.64
CA TYR B 108 -4.12 11.74 -17.23
C TYR B 108 -5.56 11.80 -16.73
N CYS B 109 -5.83 12.68 -15.77
CA CYS B 109 -7.15 12.76 -15.16
C CYS B 109 -8.15 13.47 -16.07
N GLY B 110 -7.64 14.14 -17.10
CA GLY B 110 -8.50 14.84 -18.05
C GLY B 110 -9.04 16.14 -17.51
N TYR B 111 -8.14 16.99 -17.03
CA TYR B 111 -8.53 18.31 -16.54
C TYR B 111 -8.70 19.30 -17.67
N ARG B 112 -9.88 19.29 -18.29
CA ARG B 112 -10.18 20.21 -19.39
C ARG B 112 -11.36 21.09 -19.04
N GLU B 113 -11.83 21.87 -20.01
CA GLU B 113 -12.97 22.74 -19.81
C GLU B 113 -14.27 22.06 -20.25
N ASP B 114 -14.15 21.11 -21.17
CA ASP B 114 -15.31 20.42 -21.70
C ASP B 114 -15.48 19.03 -21.08
N ASN B 115 -14.67 18.75 -20.05
CA ASN B 115 -14.73 17.46 -19.38
C ASN B 115 -14.44 17.56 -17.89
N VAL B 116 -15.37 17.08 -17.08
CA VAL B 116 -15.19 17.03 -15.63
C VAL B 116 -14.55 15.71 -15.24
N PRO B 117 -13.35 15.76 -14.64
CA PRO B 117 -12.59 14.56 -14.27
C PRO B 117 -13.30 13.72 -13.22
N GLN B 118 -13.35 12.41 -13.45
CA GLN B 118 -13.98 11.48 -12.51
C GLN B 118 -13.05 11.17 -11.34
N LEU B 119 -13.63 10.85 -10.19
CA LEU B 119 -12.86 10.59 -8.98
C LEU B 119 -11.99 9.34 -9.11
N GLU B 120 -12.51 8.34 -9.81
CA GLU B 120 -11.78 7.09 -10.01
C GLU B 120 -10.52 7.33 -10.83
N ASP B 121 -10.59 8.29 -11.74
CA ASP B 121 -9.44 8.67 -12.55
C ASP B 121 -8.43 9.41 -11.70
N VAL B 122 -8.93 10.18 -10.74
CA VAL B 122 -8.10 10.97 -9.85
C VAL B 122 -7.45 10.10 -8.77
N SER B 123 -8.21 9.16 -8.23
CA SER B 123 -7.73 8.28 -7.18
C SER B 123 -6.52 7.46 -7.63
N MET B 124 -6.59 6.91 -8.83
CA MET B 124 -5.51 6.11 -9.38
C MET B 124 -4.26 6.95 -9.65
N PHE B 125 -4.46 8.25 -9.80
CA PHE B 125 -3.37 9.18 -10.07
C PHE B 125 -2.58 9.48 -8.81
N LEU B 126 -3.30 9.73 -7.72
CA LEU B 126 -2.67 10.10 -6.46
C LEU B 126 -2.07 8.90 -5.74
N LYS B 127 -2.62 7.72 -5.98
CA LYS B 127 -2.18 6.52 -5.30
C LYS B 127 -0.77 6.11 -5.71
N GLU B 128 -0.42 6.38 -6.97
CA GLU B 128 0.91 6.05 -7.47
C GLU B 128 1.85 7.25 -7.37
N ARG B 129 1.29 8.40 -6.99
CA ARG B 129 2.07 9.64 -6.87
C ARG B 129 2.43 9.95 -5.44
N SER B 130 1.47 9.80 -4.54
CA SER B 130 1.69 10.10 -3.13
C SER B 130 1.03 9.06 -2.21
N GLY B 131 0.31 8.12 -2.83
CA GLY B 131 -0.34 7.06 -2.08
C GLY B 131 -1.69 7.48 -1.54
N PHE B 132 -2.11 8.69 -1.89
CA PHE B 132 -3.41 9.20 -1.46
C PHE B 132 -4.53 8.67 -2.33
N THR B 133 -5.70 8.48 -1.73
CA THR B 133 -6.89 8.08 -2.48
C THR B 133 -8.07 8.96 -2.11
N VAL B 134 -9.07 9.01 -2.98
CA VAL B 134 -10.25 9.83 -2.73
C VAL B 134 -11.49 8.97 -2.44
N ARG B 135 -12.42 9.53 -1.69
CA ARG B 135 -13.65 8.83 -1.35
C ARG B 135 -14.88 9.72 -1.56
N PRO B 136 -15.89 9.21 -2.25
CA PRO B 136 -17.15 9.95 -2.45
C PRO B 136 -17.94 10.05 -1.15
N VAL B 137 -18.10 11.28 -0.65
CA VAL B 137 -18.83 11.50 0.60
C VAL B 137 -20.22 12.08 0.31
N ALA B 138 -21.21 11.63 1.07
CA ALA B 138 -22.60 12.05 0.86
C ALA B 138 -22.82 13.51 1.29
N GLY B 139 -21.97 14.01 2.17
CA GLY B 139 -22.10 15.37 2.63
C GLY B 139 -21.00 15.80 3.59
N TYR B 140 -21.39 16.34 4.74
CA TYR B 140 -20.44 16.83 5.72
C TYR B 140 -20.17 15.80 6.81
N LEU B 141 -18.91 15.43 6.97
CA LEU B 141 -18.50 14.50 8.00
C LEU B 141 -18.00 15.26 9.24
N SER B 142 -18.04 14.61 10.38
CA SER B 142 -17.45 15.17 11.59
C SER B 142 -15.95 15.32 11.39
N PRO B 143 -15.35 16.34 12.02
CA PRO B 143 -13.91 16.59 11.90
C PRO B 143 -13.06 15.39 12.33
N ARG B 144 -13.60 14.56 13.21
CA ARG B 144 -12.90 13.36 13.64
C ARG B 144 -12.87 12.31 12.54
N ASP B 145 -14.01 12.13 11.87
CA ASP B 145 -14.13 11.12 10.81
C ASP B 145 -13.38 11.52 9.55
N PHE B 146 -13.22 12.81 9.34
CA PHE B 146 -12.53 13.30 8.15
C PHE B 146 -11.01 13.21 8.32
N LEU B 147 -10.54 13.50 9.52
CA LEU B 147 -9.12 13.41 9.82
C LEU B 147 -8.68 11.94 9.93
N ALA B 148 -9.60 11.09 10.36
CA ALA B 148 -9.32 9.66 10.45
C ALA B 148 -9.00 9.10 9.07
N GLY B 149 -9.65 9.64 8.05
CA GLY B 149 -9.41 9.24 6.68
C GLY B 149 -8.04 9.67 6.22
N LEU B 150 -7.62 10.86 6.64
CA LEU B 150 -6.31 11.38 6.29
C LEU B 150 -5.19 10.53 6.89
N ALA B 151 -5.47 9.89 8.02
CA ALA B 151 -4.51 9.00 8.66
C ALA B 151 -4.21 7.81 7.77
N TYR B 152 -5.16 7.46 6.91
CA TYR B 152 -4.97 6.39 5.94
C TYR B 152 -4.71 6.97 4.55
N ARG B 153 -4.39 8.25 4.51
CA ARG B 153 -4.21 9.00 3.27
C ARG B 153 -5.42 8.82 2.36
N VAL B 154 -6.60 9.01 2.95
CA VAL B 154 -7.84 8.98 2.21
C VAL B 154 -8.56 10.31 2.36
N PHE B 155 -8.81 10.98 1.25
CA PHE B 155 -9.49 12.27 1.27
C PHE B 155 -10.92 12.15 0.77
N HIS B 156 -11.88 12.42 1.65
CA HIS B 156 -13.29 12.36 1.29
C HIS B 156 -13.67 13.56 0.43
N CYS B 157 -14.04 13.29 -0.82
CA CYS B 157 -14.38 14.34 -1.77
C CYS B 157 -15.87 14.32 -2.13
N THR B 158 -16.40 15.49 -2.45
CA THR B 158 -17.78 15.61 -2.90
C THR B 158 -17.84 15.50 -4.42
N GLN B 159 -18.93 14.95 -4.94
CA GLN B 159 -19.06 14.74 -6.37
C GLN B 159 -19.90 15.83 -7.04
N TYR B 160 -20.77 16.46 -6.26
CA TYR B 160 -21.68 17.46 -6.81
C TYR B 160 -20.96 18.73 -7.24
N ILE B 161 -21.54 19.43 -8.21
CA ILE B 161 -21.00 20.69 -8.70
C ILE B 161 -21.90 21.84 -8.28
N ARG B 162 -21.30 23.00 -8.06
CA ARG B 162 -22.05 24.19 -7.64
C ARG B 162 -23.05 24.63 -8.71
N HIS B 163 -24.01 25.45 -8.32
CA HIS B 163 -25.05 25.92 -9.22
C HIS B 163 -24.48 26.75 -10.36
N GLY B 164 -25.18 26.78 -11.49
CA GLY B 164 -24.73 27.54 -12.64
C GLY B 164 -25.03 29.02 -12.53
N SER B 165 -25.67 29.41 -11.43
CA SER B 165 -26.00 30.81 -11.20
C SER B 165 -24.74 31.63 -10.92
N ASP B 166 -24.04 31.30 -9.85
CA ASP B 166 -22.82 32.00 -9.48
C ASP B 166 -21.68 31.02 -9.25
N PRO B 167 -20.89 30.75 -10.30
CA PRO B 167 -19.75 29.83 -10.24
C PRO B 167 -18.56 30.42 -9.49
N LEU B 168 -18.61 31.72 -9.21
CA LEU B 168 -17.51 32.40 -8.53
C LEU B 168 -17.45 32.02 -7.06
N TYR B 169 -18.60 32.00 -6.40
CA TYR B 169 -18.66 31.69 -4.97
C TYR B 169 -19.52 30.47 -4.69
N THR B 170 -19.15 29.71 -3.67
CA THR B 170 -19.90 28.53 -3.27
C THR B 170 -19.76 28.29 -1.77
N PRO B 171 -20.90 28.14 -1.07
CA PRO B 171 -20.91 27.94 0.39
C PRO B 171 -20.41 26.56 0.80
N GLU B 172 -20.60 25.56 -0.05
CA GLU B 172 -20.17 24.20 0.26
C GLU B 172 -19.01 23.77 -0.63
N PRO B 173 -18.09 22.96 -0.07
CA PRO B 173 -16.97 22.40 -0.83
C PRO B 173 -17.45 21.46 -1.95
N ASP B 174 -17.74 22.03 -3.12
CA ASP B 174 -18.18 21.23 -4.26
C ASP B 174 -16.99 20.51 -4.90
N THR B 175 -17.26 19.74 -5.96
CA THR B 175 -16.21 18.97 -6.61
C THR B 175 -15.18 19.87 -7.30
N CYS B 176 -15.57 21.11 -7.57
CA CYS B 176 -14.65 22.07 -8.15
C CYS B 176 -13.60 22.48 -7.12
N HIS B 177 -14.02 22.54 -5.86
CA HIS B 177 -13.13 22.86 -4.76
C HIS B 177 -12.18 21.69 -4.48
N GLU B 178 -12.71 20.48 -4.54
CA GLU B 178 -11.93 19.28 -4.25
C GLU B 178 -10.88 19.01 -5.33
N LEU B 179 -11.32 19.06 -6.59
CA LEU B 179 -10.46 18.67 -7.71
C LEU B 179 -9.42 19.72 -8.06
N LEU B 180 -9.69 20.98 -7.72
CA LEU B 180 -8.79 22.07 -8.11
C LEU B 180 -8.06 22.68 -6.91
N GLY B 181 -8.49 22.32 -5.71
CA GLY B 181 -7.90 22.87 -4.51
C GLY B 181 -7.01 21.91 -3.74
N HIS B 182 -7.50 20.68 -3.55
CA HIS B 182 -6.77 19.69 -2.77
C HIS B 182 -5.92 18.76 -3.63
N VAL B 183 -6.52 18.21 -4.68
CA VAL B 183 -5.88 17.20 -5.51
C VAL B 183 -4.48 17.56 -6.05
N PRO B 184 -4.29 18.80 -6.56
CA PRO B 184 -2.93 19.10 -7.02
C PRO B 184 -1.89 19.11 -5.89
N LEU B 185 -2.32 19.46 -4.68
CA LEU B 185 -1.42 19.45 -3.53
C LEU B 185 -1.28 18.05 -2.95
N LEU B 186 -2.34 17.26 -3.04
CA LEU B 186 -2.33 15.89 -2.53
C LEU B 186 -1.40 15.01 -3.35
N ALA B 187 -1.09 15.43 -4.57
CA ALA B 187 -0.19 14.69 -5.44
C ALA B 187 1.24 14.76 -4.92
N ASP B 188 1.56 15.83 -4.19
CA ASP B 188 2.89 16.00 -3.64
C ASP B 188 3.11 15.10 -2.43
N PRO B 189 4.17 14.27 -2.48
CA PRO B 189 4.51 13.31 -1.41
C PRO B 189 4.70 13.96 -0.05
N LYS B 190 5.42 15.08 0.01
CA LYS B 190 5.68 15.75 1.27
C LYS B 190 4.40 16.34 1.86
N PHE B 191 3.53 16.85 1.00
CA PHE B 191 2.26 17.40 1.44
C PHE B 191 1.35 16.28 1.95
N ALA B 192 1.34 15.15 1.23
CA ALA B 192 0.57 13.99 1.65
C ALA B 192 1.09 13.46 2.97
N GLN B 193 2.40 13.52 3.15
CA GLN B 193 3.05 13.11 4.39
C GLN B 193 2.68 14.06 5.53
N PHE B 194 2.46 15.33 5.20
CA PHE B 194 2.08 16.33 6.19
C PHE B 194 0.59 16.22 6.54
N SER B 195 -0.24 15.97 5.53
CA SER B 195 -1.67 15.84 5.74
C SER B 195 -2.00 14.62 6.59
N GLN B 196 -1.27 13.54 6.36
CA GLN B 196 -1.48 12.31 7.11
C GLN B 196 -1.10 12.49 8.58
N GLU B 197 -0.10 13.33 8.82
CA GLU B 197 0.39 13.57 10.18
C GLU B 197 -0.68 14.20 11.06
N ILE B 198 -1.46 15.11 10.47
CA ILE B 198 -2.56 15.74 11.20
C ILE B 198 -3.63 14.72 11.55
N GLY B 199 -3.89 13.80 10.62
CA GLY B 199 -4.88 12.75 10.83
C GLY B 199 -4.47 11.76 11.90
N LEU B 200 -3.19 11.39 11.89
CA LEU B 200 -2.65 10.43 12.85
C LEU B 200 -2.71 10.95 14.28
N ALA B 201 -2.60 12.27 14.43
CA ALA B 201 -2.63 12.89 15.75
C ALA B 201 -4.05 12.92 16.33
N SER B 202 -5.04 12.76 15.47
CA SER B 202 -6.43 12.83 15.90
C SER B 202 -6.95 11.49 16.40
N LEU B 203 -6.26 10.41 16.05
CA LEU B 203 -6.66 9.07 16.45
C LEU B 203 -6.62 8.89 17.96
N GLY B 204 -7.79 8.72 18.57
CA GLY B 204 -7.88 8.52 20.00
C GLY B 204 -7.80 9.81 20.78
N ALA B 205 -7.84 10.94 20.07
CA ALA B 205 -7.78 12.24 20.72
C ALA B 205 -9.17 12.68 21.18
N SER B 206 -9.19 13.60 22.15
CA SER B 206 -10.45 14.11 22.68
C SER B 206 -11.13 15.03 21.66
N ASP B 207 -12.41 15.29 21.86
CA ASP B 207 -13.17 16.15 20.95
C ASP B 207 -12.61 17.56 20.90
N GLU B 208 -12.12 18.04 22.04
CA GLU B 208 -11.51 19.36 22.12
C GLU B 208 -10.13 19.36 21.47
N ASP B 209 -9.52 18.18 21.33
CA ASP B 209 -8.25 18.04 20.65
C ASP B 209 -8.46 17.86 19.14
N VAL B 210 -9.54 17.18 18.77
CA VAL B 210 -9.86 16.98 17.36
C VAL B 210 -10.20 18.31 16.69
N GLN B 211 -11.07 19.09 17.32
CA GLN B 211 -11.44 20.40 16.79
C GLN B 211 -10.24 21.34 16.80
N LYS B 212 -9.34 21.10 17.74
CA LYS B 212 -8.11 21.88 17.84
C LYS B 212 -7.20 21.59 16.64
N LEU B 213 -7.25 20.35 16.16
CA LEU B 213 -6.50 19.95 14.97
C LEU B 213 -7.23 20.41 13.71
N ALA B 214 -8.54 20.57 13.82
CA ALA B 214 -9.35 21.06 12.70
C ALA B 214 -9.00 22.51 12.41
N THR B 215 -8.58 23.23 13.44
CA THR B 215 -8.17 24.63 13.29
C THR B 215 -6.83 24.68 12.55
N CYS B 216 -5.91 23.79 12.94
CA CYS B 216 -4.63 23.66 12.25
C CYS B 216 -4.85 23.24 10.80
N TYR B 217 -5.84 22.37 10.59
CA TYR B 217 -6.18 21.90 9.26
C TYR B 217 -6.75 23.03 8.41
N PHE B 218 -7.51 23.91 9.06
CA PHE B 218 -8.19 25.00 8.37
C PHE B 218 -7.21 26.09 7.94
N PHE B 219 -6.20 26.33 8.78
CA PHE B 219 -5.24 27.40 8.52
C PHE B 219 -3.99 26.89 7.81
N THR B 220 -4.09 25.71 7.20
CA THR B 220 -2.99 25.14 6.43
C THR B 220 -3.47 24.58 5.10
N ILE B 221 -4.10 23.41 5.17
CA ILE B 221 -4.62 22.74 3.97
C ILE B 221 -5.68 23.59 3.28
N GLU B 222 -6.57 24.17 4.08
CA GLU B 222 -7.65 25.00 3.55
C GLU B 222 -7.15 26.40 3.22
N PHE B 223 -6.52 27.06 4.18
CA PHE B 223 -6.01 28.41 3.98
C PHE B 223 -4.60 28.59 4.54
N GLY B 224 -3.60 28.22 3.75
CA GLY B 224 -2.23 28.32 4.18
C GLY B 224 -1.29 28.87 3.12
N LEU B 225 -0.24 29.56 3.56
CA LEU B 225 0.76 30.11 2.65
C LEU B 225 2.11 29.45 2.86
N CYS B 226 2.98 29.55 1.85
CA CYS B 226 4.32 29.00 1.94
C CYS B 226 5.34 29.96 1.33
N LYS B 227 6.47 30.12 2.03
CA LYS B 227 7.52 31.03 1.56
C LYS B 227 8.62 30.29 0.80
N GLN B 228 8.54 30.35 -0.52
CA GLN B 228 9.53 29.71 -1.38
C GLN B 228 9.62 30.46 -2.71
N GLU B 229 10.83 30.82 -3.14
CA GLU B 229 12.06 30.50 -2.41
C GLU B 229 12.42 31.45 -1.24
N GLY B 230 12.38 32.78 -1.41
CA GLY B 230 11.99 33.47 -2.62
C GLY B 230 10.78 34.35 -2.38
N GLN B 231 9.70 34.08 -3.12
CA GLN B 231 8.47 34.85 -2.97
C GLN B 231 7.50 34.15 -2.02
N LEU B 232 6.26 34.64 -1.98
CA LEU B 232 5.22 34.04 -1.14
C LEU B 232 4.04 33.57 -1.98
N ARG B 233 3.75 32.28 -1.93
CA ARG B 233 2.64 31.70 -2.68
C ARG B 233 1.62 31.05 -1.75
N ALA B 234 0.58 30.47 -2.34
CA ALA B 234 -0.49 29.84 -1.58
C ALA B 234 -0.63 28.36 -1.92
N TYR B 235 -0.84 27.53 -0.90
CA TYR B 235 -1.08 26.11 -1.10
C TYR B 235 -2.42 25.70 -0.49
N GLY B 236 -3.07 26.65 0.16
CA GLY B 236 -4.37 26.41 0.78
C GLY B 236 -5.46 26.19 -0.24
N ALA B 237 -6.23 25.13 -0.06
CA ALA B 237 -7.27 24.75 -1.00
C ALA B 237 -8.36 25.81 -1.11
N GLY B 238 -8.71 26.42 0.02
CA GLY B 238 -9.70 27.47 0.04
C GLY B 238 -9.26 28.68 -0.74
N LEU B 239 -7.96 28.94 -0.74
CA LEU B 239 -7.38 30.04 -1.49
C LEU B 239 -7.34 29.72 -2.98
N LEU B 240 -7.07 28.45 -3.30
CA LEU B 240 -6.94 28.01 -4.67
C LEU B 240 -8.30 27.65 -5.28
N SER B 241 -9.37 27.87 -4.52
CA SER B 241 -10.72 27.63 -5.01
C SER B 241 -11.52 28.93 -5.07
N SER B 242 -11.03 29.95 -4.37
CA SER B 242 -11.66 31.25 -4.35
C SER B 242 -10.83 32.27 -5.11
N ILE B 243 -11.40 32.82 -6.19
CA ILE B 243 -10.70 33.78 -7.03
C ILE B 243 -10.42 35.07 -6.26
N GLY B 244 -11.36 35.47 -5.41
CA GLY B 244 -11.23 36.70 -4.65
C GLY B 244 -10.17 36.67 -3.59
N GLU B 245 -10.20 35.64 -2.74
CA GLU B 245 -9.29 35.57 -1.60
C GLU B 245 -7.89 35.14 -2.02
N LEU B 246 -7.76 34.60 -3.23
CA LEU B 246 -6.46 34.19 -3.74
C LEU B 246 -5.56 35.40 -3.97
N LYS B 247 -6.08 36.41 -4.65
CA LYS B 247 -5.34 37.64 -4.89
C LYS B 247 -5.24 38.47 -3.62
N HIS B 248 -6.19 38.25 -2.71
CA HIS B 248 -6.21 38.95 -1.43
C HIS B 248 -5.08 38.49 -0.52
N ALA B 249 -4.87 37.17 -0.48
CA ALA B 249 -3.85 36.58 0.37
C ALA B 249 -2.45 37.00 -0.07
N LEU B 250 -2.23 37.05 -1.37
CA LEU B 250 -0.94 37.46 -1.93
C LEU B 250 -0.93 38.96 -2.20
N SER B 251 -1.15 39.75 -1.15
CA SER B 251 -1.16 41.21 -1.27
C SER B 251 -0.73 41.88 0.02
N ASP B 252 -0.66 43.21 0.01
CA ASP B 252 -0.25 43.96 1.19
C ASP B 252 -1.47 44.34 2.04
N LYS B 253 -2.63 43.85 1.65
CA LYS B 253 -3.86 44.12 2.38
C LYS B 253 -4.28 42.92 3.22
N ALA B 254 -3.33 42.04 3.51
CA ALA B 254 -3.60 40.85 4.30
C ALA B 254 -2.47 40.58 5.29
N CYS B 255 -2.83 40.26 6.53
CA CYS B 255 -1.85 39.97 7.57
C CYS B 255 -1.27 38.57 7.42
N VAL B 256 0.05 38.46 7.55
CA VAL B 256 0.73 37.18 7.43
C VAL B 256 1.58 36.88 8.66
N LYS B 257 1.37 35.70 9.24
CA LYS B 257 2.12 35.29 10.43
C LYS B 257 2.77 33.92 10.21
N ALA B 258 3.65 33.54 11.12
CA ALA B 258 4.33 32.25 11.04
C ALA B 258 3.43 31.14 11.56
N PHE B 259 3.56 29.95 10.97
CA PHE B 259 2.74 28.80 11.37
C PHE B 259 3.27 28.15 12.65
N ASP B 260 2.54 28.36 13.74
CA ASP B 260 2.87 27.72 15.01
C ASP B 260 1.63 27.01 15.55
N PRO B 261 1.65 25.66 15.55
CA PRO B 261 0.52 24.81 15.92
C PRO B 261 -0.12 25.17 17.27
N LYS B 262 0.64 25.79 18.16
CA LYS B 262 0.13 26.19 19.46
C LYS B 262 -0.69 27.48 19.38
N THR B 263 -0.22 28.42 18.57
CA THR B 263 -0.88 29.71 18.43
C THR B 263 -1.91 29.68 17.31
N THR B 264 -1.68 28.82 16.32
CA THR B 264 -2.57 28.72 15.16
C THR B 264 -3.91 28.10 15.55
N CYS B 265 -3.86 27.05 16.36
CA CYS B 265 -5.07 26.34 16.77
C CYS B 265 -5.96 27.18 17.68
N LEU B 266 -5.35 28.15 18.36
CA LEU B 266 -6.08 29.00 19.30
C LEU B 266 -6.95 30.02 18.58
N GLN B 267 -6.44 30.57 17.48
CA GLN B 267 -7.18 31.58 16.72
C GLN B 267 -8.43 30.99 16.08
N GLU B 268 -9.56 31.68 16.26
CA GLU B 268 -10.83 31.22 15.72
C GLU B 268 -10.87 31.34 14.20
N CYS B 269 -11.65 30.47 13.57
CA CYS B 269 -11.77 30.47 12.11
C CYS B 269 -12.98 31.28 11.66
N LEU B 270 -12.99 31.68 10.40
CA LEU B 270 -14.09 32.45 9.83
C LEU B 270 -14.65 31.78 8.59
N ILE B 271 -15.97 31.58 8.57
CA ILE B 271 -16.62 30.90 7.46
C ILE B 271 -17.10 31.87 6.39
N THR B 272 -17.94 32.82 6.78
CA THR B 272 -18.51 33.78 5.85
C THR B 272 -17.47 34.77 5.34
N THR B 273 -16.96 35.61 6.24
CA THR B 273 -15.98 36.63 5.87
C THR B 273 -14.61 36.03 5.61
N PHE B 274 -13.65 36.87 5.21
CA PHE B 274 -12.29 36.43 4.96
C PHE B 274 -11.54 36.20 6.26
N GLN B 275 -10.24 35.95 6.15
CA GLN B 275 -9.42 35.68 7.33
C GLN B 275 -8.63 36.91 7.77
N GLU B 276 -8.48 37.07 9.09
CA GLU B 276 -7.76 38.19 9.65
C GLU B 276 -6.25 37.98 9.58
N ALA B 277 -5.84 36.73 9.40
CA ALA B 277 -4.43 36.39 9.30
C ALA B 277 -4.21 35.13 8.48
N TYR B 278 -3.03 35.01 7.88
CA TYR B 278 -2.68 33.85 7.07
C TYR B 278 -1.34 33.28 7.52
N PHE B 279 -1.36 32.05 8.03
CA PHE B 279 -0.15 31.42 8.55
C PHE B 279 0.74 30.87 7.43
N VAL B 280 2.04 31.11 7.56
CA VAL B 280 3.00 30.71 6.54
C VAL B 280 3.95 29.62 7.04
N SER B 281 4.09 28.57 6.25
CA SER B 281 5.03 27.50 6.58
C SER B 281 6.24 27.54 5.64
N GLU B 282 7.42 27.26 6.19
CA GLU B 282 8.64 27.27 5.41
C GLU B 282 8.63 26.16 4.35
N SER B 283 8.16 24.99 4.75
CA SER B 283 8.04 23.85 3.84
C SER B 283 7.04 22.85 4.38
N PHE B 284 6.74 21.83 3.57
CA PHE B 284 5.81 20.79 3.98
C PHE B 284 6.49 19.78 4.91
N GLU B 285 7.81 19.65 4.77
CA GLU B 285 8.59 18.77 5.62
C GLU B 285 8.74 19.37 7.02
N GLU B 286 8.87 20.69 7.07
CA GLU B 286 9.00 21.41 8.33
C GLU B 286 7.65 21.51 9.04
N ALA B 287 6.58 21.58 8.24
CA ALA B 287 5.23 21.68 8.80
C ALA B 287 4.82 20.36 9.45
N LYS B 288 5.34 19.26 8.93
CA LYS B 288 5.05 17.94 9.49
C LYS B 288 5.66 17.78 10.89
N GLU B 289 6.91 18.21 11.02
CA GLU B 289 7.62 18.11 12.30
C GLU B 289 6.99 19.03 13.35
N LYS B 290 6.32 20.08 12.90
CA LYS B 290 5.64 20.99 13.81
C LYS B 290 4.36 20.36 14.35
N MET B 291 3.77 19.46 13.57
CA MET B 291 2.54 18.79 13.96
C MET B 291 2.83 17.55 14.81
N ARG B 292 3.91 16.84 14.48
CA ARG B 292 4.28 15.64 15.24
C ARG B 292 4.75 16.02 16.64
N ASP B 293 5.44 17.15 16.73
CA ASP B 293 5.87 17.67 18.03
C ASP B 293 4.68 18.18 18.82
N PHE B 294 3.65 18.61 18.09
CA PHE B 294 2.41 19.07 18.70
C PHE B 294 1.52 17.89 19.09
N ALA B 295 1.74 16.76 18.43
CA ALA B 295 0.97 15.55 18.71
C ALA B 295 1.34 14.94 20.06
N LYS B 296 2.52 15.29 20.55
CA LYS B 296 2.99 14.81 21.84
C LYS B 296 2.27 15.52 22.99
N SER B 297 1.65 16.66 22.69
CA SER B 297 0.91 17.41 23.69
C SER B 297 -0.54 16.94 23.78
N ILE B 298 -1.00 16.25 22.73
CA ILE B 298 -2.36 15.73 22.70
C ILE B 298 -2.49 14.55 23.65
N THR B 299 -3.42 14.65 24.59
CA THR B 299 -3.57 13.65 25.63
C THR B 299 -4.14 12.33 25.10
N ARG B 300 -3.30 11.30 25.12
CA ARG B 300 -3.72 9.94 24.81
C ARG B 300 -2.69 8.96 25.36
N PRO B 301 -3.16 7.81 25.87
CA PRO B 301 -2.30 6.84 26.56
C PRO B 301 -1.42 6.02 25.63
N PHE B 302 -1.28 6.45 24.38
CA PHE B 302 -0.48 5.70 23.41
C PHE B 302 -0.03 6.58 22.25
N SER B 303 1.00 6.12 21.56
CA SER B 303 1.42 6.72 20.30
C SER B 303 0.96 5.82 19.16
N VAL B 304 0.74 6.41 17.99
CA VAL B 304 0.28 5.63 16.85
C VAL B 304 1.38 5.50 15.80
N TYR B 305 1.35 4.38 15.09
CA TYR B 305 2.30 4.13 14.01
C TYR B 305 1.59 3.47 12.85
N PHE B 306 1.63 4.11 11.68
CA PHE B 306 0.93 3.60 10.52
C PHE B 306 1.73 2.48 9.84
N ASN B 307 1.03 1.40 9.50
CA ASN B 307 1.61 0.29 8.76
C ASN B 307 1.15 0.34 7.31
N PRO B 308 1.96 0.96 6.43
CA PRO B 308 1.59 1.16 5.03
C PRO B 308 1.43 -0.14 4.24
N TYR B 309 2.02 -1.23 4.73
CA TYR B 309 1.90 -2.52 4.04
C TYR B 309 0.50 -3.11 4.22
N THR B 310 0.03 -3.16 5.46
CA THR B 310 -1.28 -3.73 5.76
C THR B 310 -2.35 -2.65 5.83
N GLN B 311 -1.93 -1.38 5.69
CA GLN B 311 -2.82 -0.23 5.77
C GLN B 311 -3.62 -0.24 7.07
N SER B 312 -2.92 -0.37 8.19
CA SER B 312 -3.54 -0.41 9.50
C SER B 312 -2.80 0.47 10.49
N ILE B 313 -3.39 0.65 11.66
CA ILE B 313 -2.79 1.47 12.71
C ILE B 313 -2.23 0.61 13.83
N GLU B 314 -0.94 0.76 14.10
CA GLU B 314 -0.29 0.03 15.18
C GLU B 314 -0.21 0.90 16.43
N ILE B 315 -0.61 0.33 17.57
CA ILE B 315 -0.63 1.06 18.83
C ILE B 315 0.65 0.81 19.62
N LEU B 316 1.46 1.86 19.77
CA LEU B 316 2.71 1.76 20.52
C LEU B 316 2.48 2.02 22.00
N LYS B 317 2.19 0.96 22.74
CA LYS B 317 1.87 1.09 24.17
C LYS B 317 2.78 0.21 25.02
N ASP B 318 3.43 -0.77 24.39
CA ASP B 318 4.34 -1.65 25.09
C ASP B 318 5.70 -1.68 24.42
N THR B 319 6.68 -2.31 25.06
CA THR B 319 8.04 -2.37 24.52
C THR B 319 8.12 -3.22 23.26
N ARG B 320 7.21 -4.19 23.14
CA ARG B 320 7.21 -5.07 21.99
C ARG B 320 6.90 -4.33 20.69
N SER B 321 5.83 -3.54 20.72
CA SER B 321 5.44 -2.78 19.53
C SER B 321 6.48 -1.72 19.20
N ILE B 322 7.17 -1.22 20.23
CA ILE B 322 8.20 -0.21 20.03
C ILE B 322 9.47 -0.85 19.48
N GLU B 323 9.88 -1.97 20.07
CA GLU B 323 11.08 -2.68 19.63
C GLU B 323 10.93 -3.15 18.18
N ASN B 324 9.72 -3.51 17.81
CA ASN B 324 9.45 -3.95 16.44
C ASN B 324 9.59 -2.81 15.45
N VAL B 325 9.25 -1.60 15.87
CA VAL B 325 9.42 -0.42 15.03
C VAL B 325 10.90 -0.09 14.88
N VAL B 326 11.61 -0.03 16.00
CA VAL B 326 13.03 0.28 16.01
C VAL B 326 13.82 -0.72 15.18
N GLN B 327 13.40 -1.99 15.24
CA GLN B 327 14.06 -3.05 14.49
C GLN B 327 13.94 -2.81 13.00
N ASP B 328 12.77 -2.36 12.56
CA ASP B 328 12.54 -2.06 11.14
C ASP B 328 13.37 -0.86 10.69
N LEU B 329 13.55 0.09 11.59
CA LEU B 329 14.33 1.28 11.28
C LEU B 329 15.80 0.93 11.09
N ARG B 330 16.26 -0.09 11.80
CA ARG B 330 17.63 -0.57 11.65
C ARG B 330 17.85 -1.14 10.25
N SER B 331 16.82 -1.82 9.74
CA SER B 331 16.90 -2.42 8.41
C SER B 331 16.95 -1.34 7.34
N ASP B 332 16.23 -0.26 7.56
CA ASP B 332 16.22 0.84 6.60
C ASP B 332 17.56 1.57 6.60
N LEU B 333 18.21 1.61 7.75
CA LEU B 333 19.54 2.19 7.86
C LEU B 333 20.56 1.31 7.15
N ASN B 334 20.32 0.00 7.14
CA ASN B 334 21.19 -0.92 6.44
C ASN B 334 21.08 -0.71 4.93
N THR B 335 19.91 -0.28 4.48
CA THR B 335 19.68 0.04 3.09
C THR B 335 20.41 1.33 2.73
N VAL B 336 20.41 2.27 3.67
CA VAL B 336 21.13 3.53 3.51
C VAL B 336 22.63 3.27 3.36
N CYS B 337 23.17 2.40 4.21
CA CYS B 337 24.58 2.02 4.13
C CYS B 337 24.90 1.38 2.78
N ASP B 338 24.04 0.44 2.37
CA ASP B 338 24.20 -0.22 1.08
C ASP B 338 24.22 0.80 -0.06
N ALA B 339 23.31 1.76 0.00
CA ALA B 339 23.23 2.82 -1.02
C ALA B 339 24.53 3.62 -1.08
N LEU B 340 25.06 3.97 0.09
CA LEU B 340 26.31 4.72 0.18
C LEU B 340 27.49 3.92 -0.37
N ASN B 341 27.53 2.64 -0.04
CA ASN B 341 28.59 1.76 -0.54
C ASN B 341 28.52 1.59 -2.06
N LYS B 342 27.31 1.38 -2.57
CA LYS B 342 27.08 1.23 -4.00
C LYS B 342 27.50 2.49 -4.76
N MET B 343 27.23 3.64 -4.17
CA MET B 343 27.62 4.92 -4.76
C MET B 343 29.14 5.05 -4.79
N ASN B 344 29.80 4.45 -3.79
CA ASN B 344 31.26 4.46 -3.73
C ASN B 344 31.87 3.49 -4.75
N GLN B 345 31.22 2.36 -4.97
CA GLN B 345 31.72 1.39 -5.93
C GLN B 345 31.54 1.87 -7.36
N TYR B 346 30.53 2.71 -7.57
CA TYR B 346 30.16 3.15 -8.91
C TYR B 346 30.84 4.46 -9.31
N LEU B 347 31.02 5.36 -8.35
CA LEU B 347 31.58 6.69 -8.63
C LEU B 347 32.89 6.97 -7.90
N GLY B 348 33.19 6.19 -6.87
CA GLY B 348 34.37 6.43 -6.07
C GLY B 348 34.20 7.68 -5.24
N ILE B 349 32.94 8.01 -4.94
CA ILE B 349 32.56 9.21 -4.21
C ILE B 349 33.07 10.47 -4.91
#